data_5LJF
#
_entry.id   5LJF
#
_cell.length_a   45.690
_cell.length_b   99.310
_cell.length_c   148.580
_cell.angle_alpha   90.000
_cell.angle_beta   90.000
_cell.angle_gamma   90.000
#
_symmetry.space_group_name_H-M   'P 21 21 21'
#
loop_
_entity.id
_entity.type
_entity.pdbx_description
1 polymer Endoglucanase
2 branched beta-D-glucopyranose-(1-4)-beta-D-glucopyranose-(1-4)-beta-D-glucopyranose
3 water water
#
_entity_poly.entity_id   1
_entity_poly.type   'polypeptide(L)'
_entity_poly.pdbx_seq_one_letter_code
;SVDLIGINVAGAEFTGGKLPGKHGTHYFFPPEGYFEYWSEQGIHTVRFPLKWERLQPSLNAELDDVYASLVDDMLDQAKE
NDIKVILDVHNYARYRKKVIGTEDVPVSAYQDLMERIAKRWQGHDALFAYDIMNAPYGSADKLWPAAAQAGIDGVRKYDK
KRPLLIEGASWSSAARWPRYADELLKLKDPADNMVFSAHVYIDEDASGSYKKGPGKDFEPMIGVKRVEPFVNWLKEHGKK
GHIGEFGIPNDDERWLDAMDKLLAYLNENCIPINYWAAGPSWGNYKLSIEPKDGEKRPQVALLKKYAAKDNCSDFGPAKA
E
;
_entity_poly.pdbx_strand_id   A,B
#
loop_
_chem_comp.id
_chem_comp.type
_chem_comp.name
_chem_comp.formula
BGC D-saccharide, beta linking beta-D-glucopyranose 'C6 H12 O6'
#
# COMPACT_ATOMS: atom_id res chain seq x y z
N SER A 1 -13.95 -24.53 21.74
CA SER A 1 -13.81 -23.68 22.91
C SER A 1 -13.38 -22.26 22.52
N VAL A 2 -13.60 -21.31 23.41
CA VAL A 2 -13.38 -19.89 23.13
C VAL A 2 -12.02 -19.48 23.67
N ASP A 3 -11.07 -19.19 22.78
CA ASP A 3 -9.77 -18.65 23.17
C ASP A 3 -9.86 -17.15 23.31
N LEU A 4 -9.38 -16.61 24.43
CA LEU A 4 -9.30 -15.16 24.54
C LEU A 4 -8.23 -14.55 23.64
N ILE A 5 -7.20 -15.30 23.25
CA ILE A 5 -6.08 -14.74 22.49
C ILE A 5 -6.05 -15.38 21.12
N GLY A 6 -6.08 -14.54 20.09
CA GLY A 6 -6.05 -15.03 18.72
C GLY A 6 -5.33 -14.01 17.87
N ILE A 7 -5.12 -14.38 16.62
CA ILE A 7 -4.43 -13.50 15.68
C ILE A 7 -5.19 -13.46 14.37
N ASN A 8 -5.05 -12.34 13.66
CA ASN A 8 -5.41 -12.28 12.26
C ASN A 8 -4.29 -12.89 11.45
N VAL A 9 -4.66 -13.64 10.42
CA VAL A 9 -3.69 -14.14 9.44
C VAL A 9 -4.13 -13.57 8.09
N ALA A 10 -3.52 -12.46 7.70
CA ALA A 10 -3.93 -11.69 6.55
C ALA A 10 -3.04 -12.01 5.35
N GLY A 11 -3.60 -11.82 4.17
CA GLY A 11 -2.87 -12.02 2.92
C GLY A 11 -3.78 -12.44 1.78
N ALA A 12 -4.87 -13.14 2.09
CA ALA A 12 -5.73 -13.61 1.00
C ALA A 12 -6.55 -12.47 0.42
N GLU A 13 -6.63 -11.34 1.12
CA GLU A 13 -7.40 -10.19 0.67
C GLU A 13 -6.51 -9.09 0.08
N PHE A 14 -5.21 -9.34 -0.03
CA PHE A 14 -4.27 -8.31 -0.47
C PHE A 14 -4.48 -7.91 -1.94
N THR A 15 -3.95 -6.74 -2.30
CA THR A 15 -4.00 -6.22 -3.68
C THR A 15 -5.41 -6.31 -4.26
N GLY A 16 -6.35 -5.70 -3.55
CA GLY A 16 -7.76 -5.85 -3.87
C GLY A 16 -8.17 -5.29 -5.21
N GLY A 17 -7.33 -4.45 -5.83
CA GLY A 17 -7.66 -4.00 -7.17
C GLY A 17 -7.38 -5.00 -8.26
N LYS A 18 -6.68 -6.09 -7.94
CA LYS A 18 -6.36 -7.12 -8.91
C LYS A 18 -7.35 -8.24 -8.70
N LEU A 19 -8.34 -8.32 -9.58
CA LEU A 19 -9.37 -9.36 -9.54
C LEU A 19 -9.46 -10.08 -10.88
N PRO A 20 -9.33 -11.40 -10.90
CA PRO A 20 -9.16 -12.29 -9.74
C PRO A 20 -7.81 -12.21 -9.04
N GLY A 21 -6.80 -11.68 -9.74
CA GLY A 21 -5.48 -11.73 -9.15
C GLY A 21 -4.87 -13.11 -9.18
N LYS A 22 -3.58 -13.21 -8.90
CA LYS A 22 -2.84 -14.46 -8.97
C LYS A 22 -2.32 -14.81 -7.59
N HIS A 23 -2.67 -15.99 -7.09
CA HIS A 23 -2.12 -16.44 -5.82
C HIS A 23 -0.60 -16.52 -5.91
N GLY A 24 0.07 -16.04 -4.86
CA GLY A 24 1.51 -15.99 -4.82
C GLY A 24 2.13 -14.79 -5.49
N THR A 25 1.31 -13.94 -6.11
CA THR A 25 1.75 -12.66 -6.66
C THR A 25 1.00 -11.49 -6.05
N HIS A 26 -0.33 -11.51 -6.08
CA HIS A 26 -1.14 -10.42 -5.54
C HIS A 26 -1.74 -10.74 -4.18
N TYR A 27 -1.90 -12.02 -3.86
CA TYR A 27 -2.52 -12.40 -2.59
C TYR A 27 -1.91 -13.73 -2.17
N PHE A 28 -2.00 -14.02 -0.86
CA PHE A 28 -1.15 -15.04 -0.26
C PHE A 28 -1.91 -15.78 0.82
N PHE A 29 -2.05 -17.08 0.64
CA PHE A 29 -2.55 -17.97 1.67
C PHE A 29 -1.38 -18.57 2.45
N PRO A 30 -1.62 -19.05 3.67
CA PRO A 30 -0.54 -19.63 4.48
C PRO A 30 0.16 -20.77 3.74
N PRO A 31 1.48 -20.77 3.71
CA PRO A 31 2.20 -21.89 3.11
C PRO A 31 2.18 -23.09 4.04
N GLU A 32 2.62 -24.24 3.50
CA GLU A 32 2.81 -25.40 4.36
C GLU A 32 3.81 -25.04 5.46
N GLY A 33 3.48 -25.46 6.69
CA GLY A 33 4.27 -25.13 7.85
C GLY A 33 3.85 -23.87 8.56
N TYR A 34 2.93 -23.10 7.98
CA TYR A 34 2.59 -21.79 8.54
C TYR A 34 1.98 -21.92 9.92
N PHE A 35 0.90 -22.71 10.05
CA PHE A 35 0.16 -22.74 11.31
C PHE A 35 0.95 -23.44 12.40
N GLU A 36 1.85 -24.35 12.03
CA GLU A 36 2.67 -25.04 13.03
C GLU A 36 3.41 -24.07 13.92
N TYR A 37 3.92 -22.97 13.35
CA TYR A 37 4.62 -21.97 14.17
C TYR A 37 3.69 -21.38 15.21
N TRP A 38 2.52 -20.91 14.79
CA TRP A 38 1.65 -20.21 15.74
C TRP A 38 1.07 -21.18 16.76
N SER A 39 0.71 -22.38 16.31
CA SER A 39 0.31 -23.44 17.24
C SER A 39 1.36 -23.66 18.31
N GLU A 40 2.64 -23.69 17.93
CA GLU A 40 3.72 -23.88 18.92
C GLU A 40 3.83 -22.69 19.87
N GLN A 41 3.46 -21.50 19.42
CA GLN A 41 3.50 -20.32 20.28
C GLN A 41 2.32 -20.25 21.24
N GLY A 42 1.39 -21.20 21.16
CA GLY A 42 0.23 -21.20 22.02
C GLY A 42 -0.96 -20.43 21.52
N ILE A 43 -0.93 -19.96 20.28
CA ILE A 43 -2.05 -19.22 19.68
C ILE A 43 -2.85 -20.22 18.85
N HIS A 44 -4.14 -20.38 19.18
CA HIS A 44 -4.93 -21.43 18.57
C HIS A 44 -6.20 -20.93 17.90
N THR A 45 -6.37 -19.61 17.79
CA THR A 45 -7.52 -19.04 17.11
C THR A 45 -6.99 -18.05 16.08
N VAL A 46 -7.48 -18.16 14.86
CA VAL A 46 -7.04 -17.32 13.76
C VAL A 46 -8.28 -16.71 13.11
N ARG A 47 -8.24 -15.40 12.89
CA ARG A 47 -9.21 -14.73 12.03
C ARG A 47 -8.57 -14.62 10.65
N PHE A 48 -9.31 -15.04 9.63
CA PHE A 48 -8.77 -15.18 8.28
C PHE A 48 -9.53 -14.34 7.27
N PRO A 49 -9.00 -13.18 6.88
CA PRO A 49 -9.65 -12.37 5.86
C PRO A 49 -9.72 -13.05 4.50
N LEU A 50 -10.88 -12.91 3.86
CA LEU A 50 -11.12 -13.35 2.49
C LEU A 50 -11.71 -12.20 1.68
N LYS A 51 -11.38 -12.14 0.40
CA LYS A 51 -11.93 -11.11 -0.46
C LYS A 51 -13.18 -11.64 -1.16
N TRP A 52 -14.31 -10.96 -0.97
CA TRP A 52 -15.58 -11.46 -1.50
C TRP A 52 -15.48 -11.63 -3.02
N GLU A 53 -14.96 -10.63 -3.71
CA GLU A 53 -14.90 -10.66 -5.17
C GLU A 53 -14.04 -11.80 -5.70
N ARG A 54 -13.10 -12.29 -4.90
CA ARG A 54 -12.32 -13.45 -5.29
C ARG A 54 -13.06 -14.74 -5.01
N LEU A 55 -13.82 -14.78 -3.92
CA LEU A 55 -14.57 -16.00 -3.64
C LEU A 55 -15.74 -16.15 -4.60
N GLN A 56 -16.31 -15.03 -5.03
CA GLN A 56 -17.52 -15.03 -5.85
C GLN A 56 -17.43 -13.90 -6.87
N PRO A 57 -16.79 -14.17 -8.01
CA PRO A 57 -16.55 -13.12 -9.02
C PRO A 57 -17.81 -12.57 -9.68
N SER A 58 -18.94 -13.28 -9.59
CA SER A 58 -20.22 -12.76 -10.06
C SER A 58 -21.25 -12.96 -8.96
N LEU A 59 -22.06 -11.95 -8.71
CA LEU A 59 -23.06 -12.06 -7.66
C LEU A 59 -23.98 -13.23 -7.97
N ASN A 60 -24.38 -13.95 -6.91
CA ASN A 60 -25.33 -15.05 -6.98
C ASN A 60 -24.78 -16.29 -7.67
N ALA A 61 -23.52 -16.29 -8.09
CA ALA A 61 -22.94 -17.40 -8.81
C ALA A 61 -22.16 -18.30 -7.88
N GLU A 62 -21.81 -19.49 -8.38
CA GLU A 62 -21.01 -20.43 -7.60
C GLU A 62 -19.71 -19.77 -7.16
N LEU A 63 -19.17 -20.26 -6.06
CA LEU A 63 -17.88 -19.78 -5.56
C LEU A 63 -16.76 -20.14 -6.53
N ASP A 64 -15.74 -19.29 -6.57
CA ASP A 64 -14.63 -19.51 -7.47
C ASP A 64 -13.83 -20.75 -7.06
N ASP A 65 -13.60 -21.64 -8.03
CA ASP A 65 -12.97 -22.92 -7.68
C ASP A 65 -11.56 -22.73 -7.15
N VAL A 66 -10.76 -21.89 -7.81
CA VAL A 66 -9.37 -21.73 -7.40
C VAL A 66 -9.29 -21.12 -6.00
N TYR A 67 -10.00 -20.02 -5.78
CA TYR A 67 -9.88 -19.30 -4.51
C TYR A 67 -10.54 -20.08 -3.39
N ALA A 68 -11.72 -20.65 -3.63
CA ALA A 68 -12.36 -21.46 -2.60
C ALA A 68 -11.55 -22.71 -2.26
N SER A 69 -10.82 -23.27 -3.23
CA SER A 69 -9.98 -24.42 -2.90
C SER A 69 -8.79 -24.02 -2.06
N LEU A 70 -8.28 -22.80 -2.24
CA LEU A 70 -7.24 -22.32 -1.33
C LEU A 70 -7.77 -22.17 0.09
N VAL A 71 -9.04 -21.83 0.23
CA VAL A 71 -9.63 -21.76 1.56
C VAL A 71 -9.76 -23.17 2.16
N ASP A 72 -10.25 -24.12 1.36
CA ASP A 72 -10.25 -25.53 1.76
C ASP A 72 -8.90 -25.94 2.33
N ASP A 73 -7.83 -25.65 1.60
CA ASP A 73 -6.50 -26.09 2.03
C ASP A 73 -6.05 -25.40 3.30
N MET A 74 -6.37 -24.11 3.45
CA MET A 74 -5.99 -23.43 4.69
C MET A 74 -6.69 -24.07 5.88
N LEU A 75 -7.99 -24.36 5.72
CA LEU A 75 -8.75 -24.95 6.80
C LEU A 75 -8.21 -26.34 7.15
N ASP A 76 -7.80 -27.09 6.12
CA ASP A 76 -7.13 -28.38 6.38
C ASP A 76 -5.88 -28.19 7.21
N GLN A 77 -5.01 -27.26 6.81
CA GLN A 77 -3.79 -27.03 7.59
C GLN A 77 -4.12 -26.55 9.00
N ALA A 78 -5.18 -25.74 9.13
CA ALA A 78 -5.62 -25.32 10.46
C ALA A 78 -5.99 -26.52 11.31
N LYS A 79 -6.88 -27.39 10.79
CA LYS A 79 -7.29 -28.58 11.52
C LYS A 79 -6.08 -29.45 11.91
N GLU A 80 -5.16 -29.66 10.97
CA GLU A 80 -3.96 -30.45 11.26
C GLU A 80 -3.16 -29.88 12.42
N ASN A 81 -3.24 -28.57 12.64
CA ASN A 81 -2.42 -27.90 13.65
C ASN A 81 -3.25 -27.33 14.79
N ASP A 82 -4.47 -27.85 14.99
CA ASP A 82 -5.32 -27.46 16.12
C ASP A 82 -5.57 -25.96 16.13
N ILE A 83 -5.84 -25.40 14.96
CA ILE A 83 -6.11 -23.98 14.81
C ILE A 83 -7.60 -23.84 14.54
N LYS A 84 -8.27 -22.97 15.33
CA LYS A 84 -9.67 -22.65 15.15
C LYS A 84 -9.76 -21.40 14.29
N VAL A 85 -10.59 -21.44 13.24
CA VAL A 85 -10.55 -20.39 12.21
C VAL A 85 -11.86 -19.61 12.19
N ILE A 86 -11.74 -18.29 12.24
CA ILE A 86 -12.85 -17.37 12.00
C ILE A 86 -12.70 -16.92 10.56
N LEU A 87 -13.59 -17.37 9.68
CA LEU A 87 -13.60 -16.83 8.33
C LEU A 87 -14.19 -15.41 8.33
N ASP A 88 -13.52 -14.51 7.63
CA ASP A 88 -13.85 -13.09 7.65
C ASP A 88 -14.04 -12.63 6.21
N VAL A 89 -15.26 -12.21 5.86
CA VAL A 89 -15.53 -11.61 4.55
C VAL A 89 -15.03 -10.17 4.64
N HIS A 90 -13.87 -9.89 4.07
CA HIS A 90 -13.10 -8.70 4.45
C HIS A 90 -13.40 -7.56 3.48
N ASN A 91 -14.66 -7.10 3.47
CA ASN A 91 -15.16 -6.34 2.33
C ASN A 91 -15.83 -5.00 2.60
N TYR A 92 -15.87 -4.53 3.85
CA TYR A 92 -16.32 -3.16 4.13
C TYR A 92 -17.76 -2.92 3.65
N ALA A 93 -18.55 -4.01 3.65
CA ALA A 93 -19.98 -4.00 3.27
C ALA A 93 -20.17 -3.52 1.83
N ARG A 94 -19.19 -3.82 1.00
CA ARG A 94 -19.21 -3.42 -0.41
C ARG A 94 -18.81 -4.59 -1.29
N TYR A 95 -19.38 -4.62 -2.49
CA TYR A 95 -18.99 -5.57 -3.51
C TYR A 95 -18.63 -4.76 -4.74
N ARG A 96 -17.42 -4.97 -5.24
CA ARG A 96 -16.85 -4.14 -6.31
C ARG A 96 -17.17 -2.67 -6.09
N LYS A 97 -16.90 -2.22 -4.85
CA LYS A 97 -17.00 -0.84 -4.43
C LYS A 97 -18.43 -0.32 -4.30
N LYS A 98 -19.46 -1.17 -4.45
CA LYS A 98 -20.84 -0.75 -4.29
C LYS A 98 -21.40 -1.32 -2.99
N VAL A 99 -22.16 -0.49 -2.29
CA VAL A 99 -22.61 -0.84 -0.94
C VAL A 99 -23.69 -1.93 -1.01
N ILE A 100 -23.62 -2.88 -0.07
CA ILE A 100 -24.68 -3.89 0.03
C ILE A 100 -26.01 -3.23 0.39
N GLY A 101 -27.03 -3.51 -0.40
CA GLY A 101 -28.33 -2.88 -0.23
C GLY A 101 -28.63 -1.84 -1.27
N THR A 102 -27.69 -1.54 -2.17
CA THR A 102 -27.98 -0.69 -3.31
C THR A 102 -28.51 -1.56 -4.44
N GLU A 103 -28.99 -0.90 -5.51
CA GLU A 103 -29.42 -1.63 -6.69
C GLU A 103 -28.32 -2.53 -7.21
N ASP A 104 -27.07 -2.07 -7.11
CA ASP A 104 -25.97 -2.82 -7.67
C ASP A 104 -25.69 -4.09 -6.89
N VAL A 105 -25.91 -4.07 -5.58
CA VAL A 105 -25.56 -5.21 -4.75
C VAL A 105 -26.73 -5.47 -3.79
N PRO A 106 -27.77 -6.16 -4.24
CA PRO A 106 -28.93 -6.38 -3.38
C PRO A 106 -28.55 -7.25 -2.18
N VAL A 107 -29.28 -7.06 -1.07
CA VAL A 107 -28.97 -7.85 0.13
C VAL A 107 -29.11 -9.33 -0.17
N SER A 108 -29.95 -9.71 -1.14
CA SER A 108 -30.10 -11.13 -1.50
C SER A 108 -28.81 -11.69 -2.08
N ALA A 109 -28.00 -10.86 -2.74
CA ALA A 109 -26.73 -11.36 -3.24
C ALA A 109 -25.76 -11.57 -2.09
N TYR A 110 -25.83 -10.74 -1.07
CA TYR A 110 -24.97 -10.96 0.09
C TYR A 110 -25.44 -12.18 0.87
N GLN A 111 -26.75 -12.34 1.02
CA GLN A 111 -27.28 -13.56 1.59
C GLN A 111 -26.78 -14.77 0.81
N ASP A 112 -26.75 -14.68 -0.52
CA ASP A 112 -26.29 -15.80 -1.32
C ASP A 112 -24.85 -16.16 -1.00
N LEU A 113 -23.96 -15.16 -0.94
CA LEU A 113 -22.58 -15.45 -0.56
C LEU A 113 -22.50 -16.21 0.76
N MET A 114 -23.21 -15.73 1.77
CA MET A 114 -23.07 -16.33 3.08
C MET A 114 -23.66 -17.74 3.11
N GLU A 115 -24.73 -17.99 2.35
CA GLU A 115 -25.24 -19.34 2.20
C GLU A 115 -24.18 -20.26 1.62
N ARG A 116 -23.47 -19.80 0.59
CA ARG A 116 -22.52 -20.69 -0.07
C ARG A 116 -21.27 -20.88 0.76
N ILE A 117 -20.89 -19.87 1.54
CA ILE A 117 -19.78 -20.04 2.48
C ILE A 117 -20.14 -21.08 3.52
N ALA A 118 -21.31 -20.92 4.16
CA ALA A 118 -21.74 -21.88 5.16
C ALA A 118 -21.92 -23.26 4.53
N LYS A 119 -22.56 -23.33 3.37
CA LYS A 119 -22.75 -24.62 2.72
C LYS A 119 -21.42 -25.33 2.48
N ARG A 120 -20.41 -24.59 2.02
CA ARG A 120 -19.15 -25.26 1.71
C ARG A 120 -18.37 -25.67 2.95
N TRP A 121 -18.45 -24.90 4.05
CA TRP A 121 -17.51 -25.13 5.13
C TRP A 121 -18.11 -25.46 6.48
N GLN A 122 -19.44 -25.52 6.61
CA GLN A 122 -20.02 -25.85 7.92
C GLN A 122 -19.58 -27.23 8.39
N GLY A 123 -19.25 -28.13 7.45
CA GLY A 123 -18.77 -29.45 7.77
C GLY A 123 -17.34 -29.51 8.23
N HIS A 124 -16.60 -28.41 8.15
CA HIS A 124 -15.18 -28.44 8.44
C HIS A 124 -14.89 -28.21 9.91
N ASP A 125 -14.11 -29.12 10.51
CA ASP A 125 -13.84 -29.06 11.95
C ASP A 125 -13.03 -27.83 12.33
N ALA A 126 -12.23 -27.31 11.41
CA ALA A 126 -11.40 -26.17 11.79
C ALA A 126 -12.17 -24.88 11.83
N LEU A 127 -13.31 -24.81 11.13
CA LEU A 127 -14.14 -23.61 11.15
C LEU A 127 -14.72 -23.38 12.55
N PHE A 128 -14.44 -22.21 13.11
CA PHE A 128 -14.92 -21.83 14.43
C PHE A 128 -16.12 -20.88 14.37
N ALA A 129 -16.09 -19.90 13.47
CA ALA A 129 -17.08 -18.84 13.45
C ALA A 129 -17.01 -18.12 12.13
N TYR A 130 -18.07 -17.38 11.83
CA TYR A 130 -18.16 -16.52 10.65
C TYR A 130 -18.14 -15.07 11.11
N ASP A 131 -17.13 -14.32 10.68
CA ASP A 131 -17.13 -12.87 10.82
C ASP A 131 -17.70 -12.36 9.50
N ILE A 132 -18.99 -12.03 9.50
CA ILE A 132 -19.70 -12.00 8.22
C ILE A 132 -19.36 -10.79 7.36
N MET A 133 -18.76 -9.75 7.92
CA MET A 133 -18.31 -8.60 7.13
C MET A 133 -17.34 -7.77 7.94
N ASN A 134 -16.20 -7.45 7.34
CA ASN A 134 -15.20 -6.63 8.00
C ASN A 134 -15.51 -5.14 7.81
N ALA A 135 -15.54 -4.41 8.92
CA ALA A 135 -15.44 -2.95 8.94
C ALA A 135 -16.31 -2.24 7.90
N PRO A 136 -17.63 -2.37 8.00
CA PRO A 136 -18.49 -1.42 7.27
C PRO A 136 -18.12 0.01 7.63
N TYR A 137 -18.18 0.90 6.64
CA TYR A 137 -17.87 2.30 6.91
C TYR A 137 -18.55 3.20 5.89
N GLY A 138 -18.64 4.47 6.25
CA GLY A 138 -18.99 5.51 5.29
C GLY A 138 -20.38 5.31 4.72
N SER A 139 -20.46 5.36 3.39
CA SER A 139 -21.75 5.23 2.72
C SER A 139 -22.40 3.88 2.94
N ALA A 140 -21.69 2.92 3.53
CA ALA A 140 -22.29 1.62 3.83
C ALA A 140 -22.91 1.55 5.22
N ASP A 141 -22.63 2.53 6.08
CA ASP A 141 -23.03 2.45 7.48
C ASP A 141 -24.53 2.26 7.65
N LYS A 142 -25.31 3.08 6.96
CA LYS A 142 -26.74 3.11 7.21
C LYS A 142 -27.43 1.85 6.71
N LEU A 143 -26.97 1.30 5.60
CA LEU A 143 -27.52 0.06 5.06
C LEU A 143 -26.99 -1.19 5.74
N TRP A 144 -25.96 -1.07 6.56
CA TRP A 144 -25.28 -2.27 7.04
C TRP A 144 -26.16 -3.12 7.96
N PRO A 145 -26.92 -2.57 8.92
CA PRO A 145 -27.77 -3.44 9.74
C PRO A 145 -28.72 -4.31 8.91
N ALA A 146 -29.33 -3.75 7.86
CA ALA A 146 -30.16 -4.59 6.99
C ALA A 146 -29.31 -5.63 6.25
N ALA A 147 -28.12 -5.25 5.79
CA ALA A 147 -27.26 -6.23 5.15
C ALA A 147 -26.89 -7.34 6.12
N ALA A 148 -26.57 -6.99 7.37
CA ALA A 148 -26.17 -8.00 8.34
C ALA A 148 -27.26 -9.04 8.55
N GLN A 149 -28.52 -8.60 8.61
CA GLN A 149 -29.60 -9.57 8.76
C GLN A 149 -29.62 -10.55 7.60
N ALA A 150 -29.38 -10.06 6.39
CA ALA A 150 -29.30 -10.95 5.24
C ALA A 150 -28.14 -11.92 5.36
N GLY A 151 -26.99 -11.44 5.86
CA GLY A 151 -25.87 -12.35 6.02
C GLY A 151 -26.12 -13.42 7.07
N ILE A 152 -26.74 -13.02 8.18
CA ILE A 152 -27.13 -13.97 9.22
C ILE A 152 -28.07 -15.02 8.66
N ASP A 153 -29.09 -14.57 7.93
CA ASP A 153 -30.05 -15.50 7.33
C ASP A 153 -29.35 -16.45 6.38
N GLY A 154 -28.35 -15.95 5.65
CA GLY A 154 -27.61 -16.79 4.73
C GLY A 154 -26.84 -17.90 5.44
N VAL A 155 -26.03 -17.53 6.43
CA VAL A 155 -25.27 -18.54 7.15
C VAL A 155 -26.21 -19.58 7.74
N ARG A 156 -27.29 -19.12 8.35
CA ARG A 156 -28.15 -19.99 9.14
C ARG A 156 -28.93 -20.96 8.27
N LYS A 157 -28.98 -20.75 6.96
CA LYS A 157 -29.57 -21.77 6.10
C LYS A 157 -28.83 -23.10 6.21
N TYR A 158 -27.50 -23.06 6.44
CA TYR A 158 -26.69 -24.26 6.44
C TYR A 158 -25.88 -24.51 7.70
N ASP A 159 -25.72 -23.51 8.56
CA ASP A 159 -24.95 -23.68 9.79
C ASP A 159 -25.81 -23.10 10.91
N LYS A 160 -26.41 -24.00 11.69
CA LYS A 160 -27.29 -23.61 12.78
C LYS A 160 -26.58 -23.51 14.13
N LYS A 161 -25.27 -23.73 14.17
CA LYS A 161 -24.55 -23.91 15.43
C LYS A 161 -23.54 -22.81 15.69
N ARG A 162 -22.72 -22.45 14.72
CA ARG A 162 -21.52 -21.68 15.00
C ARG A 162 -21.83 -20.22 15.31
N PRO A 163 -20.98 -19.54 16.08
CA PRO A 163 -21.18 -18.11 16.34
C PRO A 163 -21.05 -17.30 15.06
N LEU A 164 -21.84 -16.25 15.00
CA LEU A 164 -21.76 -15.24 13.95
C LEU A 164 -21.16 -14.00 14.58
N LEU A 165 -20.07 -13.52 14.01
CA LEU A 165 -19.42 -12.31 14.50
C LEU A 165 -19.94 -11.13 13.69
N ILE A 166 -20.61 -10.22 14.38
CA ILE A 166 -21.32 -9.11 13.77
C ILE A 166 -20.55 -7.84 14.10
N GLU A 167 -20.00 -7.22 13.07
CA GLU A 167 -19.30 -5.95 13.22
C GLU A 167 -20.27 -4.78 13.12
N GLY A 168 -19.76 -3.60 13.43
CA GLY A 168 -20.56 -2.40 13.46
C GLY A 168 -20.11 -1.39 12.41
N ALA A 169 -20.94 -0.36 12.27
CA ALA A 169 -20.65 0.79 11.43
C ALA A 169 -19.35 1.47 11.84
N SER A 170 -18.91 2.38 10.98
CA SER A 170 -17.76 3.24 11.27
C SER A 170 -16.51 2.40 11.53
N TRP A 171 -16.21 1.51 10.58
CA TRP A 171 -15.06 0.60 10.68
C TRP A 171 -15.13 -0.27 11.94
N SER A 172 -16.34 -0.59 12.38
CA SER A 172 -16.56 -1.35 13.60
C SER A 172 -15.81 -0.75 14.79
N SER A 173 -15.73 0.57 14.85
CA SER A 173 -15.08 1.26 15.95
C SER A 173 -15.64 0.83 17.30
N ALA A 174 -14.75 0.31 18.15
CA ALA A 174 -15.14 0.06 19.54
C ALA A 174 -15.44 1.38 20.25
N ALA A 175 -14.63 2.41 19.98
CA ALA A 175 -14.75 3.67 20.70
C ALA A 175 -16.07 4.36 20.41
N ARG A 176 -16.57 4.26 19.19
CA ARG A 176 -17.80 4.91 18.79
C ARG A 176 -18.97 3.94 18.78
N TRP A 177 -18.76 2.71 19.25
CA TRP A 177 -19.75 1.65 19.07
C TRP A 177 -21.16 2.06 19.45
N PRO A 178 -21.43 2.57 20.65
CA PRO A 178 -22.83 2.84 21.02
C PRO A 178 -23.46 3.97 20.22
N ARG A 179 -22.68 4.78 19.48
CA ARG A 179 -23.28 5.81 18.63
C ARG A 179 -24.17 5.20 17.55
N TYR A 180 -23.83 3.99 17.09
CA TYR A 180 -24.51 3.38 15.96
C TYR A 180 -25.14 2.04 16.29
N ALA A 181 -24.68 1.37 17.33
CA ALA A 181 -24.97 -0.06 17.47
C ALA A 181 -26.41 -0.35 17.86
N ASP A 182 -27.17 0.65 18.34
CA ASP A 182 -28.56 0.36 18.67
C ASP A 182 -29.31 -0.20 17.47
N GLU A 183 -28.89 0.14 16.25
CA GLU A 183 -29.49 -0.44 15.05
C GLU A 183 -29.27 -1.94 14.97
N LEU A 184 -28.21 -2.45 15.59
CA LEU A 184 -27.92 -3.87 15.54
C LEU A 184 -28.77 -4.67 16.53
N LEU A 185 -29.42 -3.99 17.47
CA LEU A 185 -30.25 -4.71 18.42
C LEU A 185 -31.46 -5.32 17.74
N LYS A 186 -31.81 -4.83 16.55
CA LYS A 186 -32.92 -5.39 15.78
C LYS A 186 -32.57 -6.72 15.12
N LEU A 187 -31.29 -7.07 15.04
CA LEU A 187 -30.91 -8.31 14.36
C LEU A 187 -31.47 -9.52 15.09
N LYS A 188 -31.95 -10.49 14.32
CA LYS A 188 -32.51 -11.72 14.83
C LYS A 188 -31.70 -12.90 14.30
N ASP A 189 -31.17 -13.70 15.21
CA ASP A 189 -30.50 -14.94 14.84
C ASP A 189 -31.33 -16.10 15.32
N PRO A 190 -31.85 -16.96 14.44
CA PRO A 190 -32.63 -18.12 14.92
C PRO A 190 -31.86 -19.00 15.86
N ALA A 191 -30.54 -19.11 15.69
CA ALA A 191 -29.74 -19.92 16.60
C ALA A 191 -29.32 -19.16 17.84
N ASP A 192 -29.67 -17.87 17.94
CA ASP A 192 -29.36 -17.06 19.11
C ASP A 192 -27.89 -17.17 19.48
N ASN A 193 -27.00 -17.03 18.50
CA ASN A 193 -25.59 -17.18 18.76
C ASN A 193 -24.81 -16.12 17.97
N MET A 194 -25.14 -14.86 18.20
CA MET A 194 -24.35 -13.76 17.65
C MET A 194 -23.37 -13.23 18.69
N VAL A 195 -22.22 -12.79 18.20
CA VAL A 195 -21.21 -12.12 19.01
C VAL A 195 -20.85 -10.87 18.26
N PHE A 196 -20.88 -9.73 18.94
CA PHE A 196 -20.52 -8.48 18.30
C PHE A 196 -19.02 -8.30 18.36
N SER A 197 -18.46 -7.78 17.27
CA SER A 197 -17.00 -7.72 17.15
C SER A 197 -16.58 -6.33 16.74
N ALA A 198 -15.89 -5.64 17.65
CA ALA A 198 -15.43 -4.28 17.41
C ALA A 198 -13.93 -4.29 17.18
N HIS A 199 -13.43 -3.19 16.63
CA HIS A 199 -12.01 -3.04 16.34
C HIS A 199 -11.46 -1.83 17.09
N VAL A 200 -10.18 -1.91 17.45
CA VAL A 200 -9.59 -0.79 18.19
C VAL A 200 -8.12 -0.65 17.78
N TYR A 201 -7.77 0.55 17.34
CA TYR A 201 -6.40 0.96 17.15
C TYR A 201 -6.15 2.19 18.01
N ILE A 202 -4.91 2.40 18.44
CA ILE A 202 -4.72 3.40 19.48
C ILE A 202 -3.83 4.55 19.01
N ASP A 203 -3.63 4.69 17.70
CA ASP A 203 -3.14 5.99 17.26
C ASP A 203 -4.27 7.02 17.38
N GLU A 204 -3.91 8.31 17.29
CA GLU A 204 -4.86 9.36 17.63
C GLU A 204 -6.19 9.21 16.89
N ASP A 205 -6.13 8.98 15.57
CA ASP A 205 -7.35 8.90 14.79
C ASP A 205 -7.90 7.47 14.70
N ALA A 206 -7.32 6.53 15.45
CA ALA A 206 -7.78 5.14 15.54
C ALA A 206 -7.79 4.44 14.18
N SER A 207 -7.02 4.96 13.22
CA SER A 207 -6.94 4.32 11.92
C SER A 207 -5.99 3.14 11.89
N GLY A 208 -5.13 3.00 12.89
CA GLY A 208 -4.10 1.98 12.78
C GLY A 208 -2.98 2.33 11.83
N SER A 209 -2.95 3.57 11.35
CA SER A 209 -1.87 4.00 10.46
C SER A 209 -0.58 4.23 11.23
N TYR A 210 -0.69 4.68 12.49
CA TYR A 210 0.46 4.99 13.34
C TYR A 210 1.49 5.81 12.61
N LYS A 211 1.02 6.89 11.98
CA LYS A 211 1.90 7.77 11.22
C LYS A 211 2.90 8.45 12.14
N LYS A 212 2.48 8.79 13.36
CA LYS A 212 3.37 9.40 14.35
C LYS A 212 3.55 8.47 15.53
N GLY A 213 4.49 8.84 16.40
CA GLY A 213 4.66 8.14 17.64
C GLY A 213 3.57 8.49 18.63
N PRO A 214 3.67 7.91 19.84
CA PRO A 214 2.61 8.13 20.84
C PRO A 214 2.35 9.58 21.19
N GLY A 215 3.36 10.43 21.18
CA GLY A 215 3.06 11.79 21.62
C GLY A 215 3.22 11.96 23.12
N LYS A 216 3.55 13.19 23.52
CA LYS A 216 3.97 13.43 24.90
C LYS A 216 2.83 13.23 25.88
N ASP A 217 1.61 13.62 25.51
CA ASP A 217 0.46 13.42 26.38
C ASP A 217 -0.24 12.09 26.12
N PHE A 218 0.54 11.05 25.81
CA PHE A 218 -0.03 9.73 25.55
C PHE A 218 -0.64 9.17 26.82
N GLU A 219 -1.86 8.65 26.69
CA GLU A 219 -2.57 8.03 27.79
C GLU A 219 -2.45 6.52 27.67
N PRO A 220 -1.75 5.84 28.58
CA PRO A 220 -1.63 4.38 28.48
C PRO A 220 -2.95 3.62 28.60
N MET A 221 -3.98 4.22 29.16
CA MET A 221 -5.28 3.55 29.22
C MET A 221 -6.09 3.75 27.93
N ILE A 222 -5.51 4.32 26.88
CA ILE A 222 -6.31 4.71 25.71
C ILE A 222 -6.99 3.48 25.10
N GLY A 223 -6.33 2.32 25.11
CA GLY A 223 -6.96 1.12 24.59
C GLY A 223 -8.17 0.71 25.41
N VAL A 224 -8.02 0.70 26.73
CA VAL A 224 -9.15 0.42 27.61
C VAL A 224 -10.25 1.44 27.40
N LYS A 225 -9.88 2.74 27.37
CA LYS A 225 -10.89 3.78 27.22
C LYS A 225 -11.64 3.64 25.90
N ARG A 226 -10.99 3.12 24.87
CA ARG A 226 -11.63 3.00 23.57
C ARG A 226 -12.47 1.73 23.44
N VAL A 227 -12.23 0.71 24.25
CA VAL A 227 -13.09 -0.46 24.22
CA VAL A 227 -13.12 -0.45 24.20
C VAL A 227 -14.22 -0.35 25.26
N GLU A 228 -14.05 0.48 26.28
CA GLU A 228 -15.10 0.64 27.29
C GLU A 228 -16.48 0.96 26.72
N PRO A 229 -16.64 1.88 25.75
CA PRO A 229 -17.98 2.10 25.21
C PRO A 229 -18.60 0.83 24.65
N PHE A 230 -17.78 0.01 23.98
CA PHE A 230 -18.23 -1.25 23.42
C PHE A 230 -18.61 -2.24 24.53
N VAL A 231 -17.71 -2.46 25.48
CA VAL A 231 -17.96 -3.46 26.51
C VAL A 231 -19.16 -3.04 27.36
N ASN A 232 -19.29 -1.74 27.61
CA ASN A 232 -20.41 -1.28 28.43
C ASN A 232 -21.73 -1.44 27.67
N TRP A 233 -21.70 -1.22 26.36
CA TRP A 233 -22.89 -1.47 25.56
C TRP A 233 -23.27 -2.95 25.63
N LEU A 234 -22.29 -3.84 25.53
CA LEU A 234 -22.56 -5.27 25.65
C LEU A 234 -23.20 -5.60 26.99
N LYS A 235 -22.69 -5.00 28.07
CA LYS A 235 -23.27 -5.23 29.39
C LYS A 235 -24.68 -4.65 29.47
N GLU A 236 -24.87 -3.42 28.99
CA GLU A 236 -26.17 -2.78 28.99
C GLU A 236 -27.23 -3.60 28.27
N HIS A 237 -26.87 -4.27 27.17
CA HIS A 237 -27.86 -4.97 26.36
C HIS A 237 -27.78 -6.48 26.48
N GLY A 238 -26.97 -7.00 27.40
CA GLY A 238 -26.90 -8.44 27.60
C GLY A 238 -26.37 -9.17 26.39
N LYS A 239 -25.37 -8.61 25.72
CA LYS A 239 -24.79 -9.16 24.50
C LYS A 239 -23.38 -9.67 24.78
N LYS A 240 -22.88 -10.47 23.84
CA LYS A 240 -21.54 -11.02 23.90
C LYS A 240 -20.65 -10.32 22.89
N GLY A 241 -19.36 -10.19 23.21
CA GLY A 241 -18.47 -9.33 22.45
C GLY A 241 -17.14 -9.99 22.15
N HIS A 242 -16.39 -9.28 21.31
CA HIS A 242 -15.19 -9.78 20.67
C HIS A 242 -14.46 -8.58 20.08
N ILE A 243 -13.13 -8.61 20.08
CA ILE A 243 -12.32 -7.58 19.44
C ILE A 243 -11.62 -8.22 18.26
N GLY A 244 -12.09 -7.93 17.03
CA GLY A 244 -11.58 -8.61 15.85
C GLY A 244 -10.27 -8.06 15.30
N GLU A 245 -9.91 -6.83 15.67
CA GLU A 245 -8.66 -6.21 15.24
C GLU A 245 -8.12 -5.29 16.32
N PHE A 246 -6.84 -5.46 16.60
CA PHE A 246 -6.06 -4.51 17.38
C PHE A 246 -4.60 -4.74 17.03
N GLY A 247 -3.87 -3.68 16.72
CA GLY A 247 -2.45 -3.84 16.46
C GLY A 247 -1.70 -2.59 16.85
N ILE A 248 -0.41 -2.75 17.11
CA ILE A 248 0.44 -1.63 17.50
C ILE A 248 1.80 -1.77 16.83
N PRO A 249 2.51 -0.65 16.63
CA PRO A 249 3.91 -0.74 16.21
C PRO A 249 4.74 -1.41 17.28
N ASN A 250 5.96 -1.80 16.90
CA ASN A 250 6.86 -2.50 17.80
C ASN A 250 7.92 -1.59 18.43
N ASP A 251 7.79 -0.27 18.30
CA ASP A 251 8.95 0.58 18.56
C ASP A 251 8.71 1.66 19.60
N ASP A 252 7.80 1.44 20.55
CA ASP A 252 7.68 2.39 21.66
C ASP A 252 7.00 1.71 22.81
N GLU A 253 7.64 1.74 23.98
CA GLU A 253 7.09 1.11 25.17
C GLU A 253 5.69 1.58 25.48
N ARG A 254 5.35 2.81 25.12
CA ARG A 254 4.03 3.33 25.46
C ARG A 254 2.94 2.52 24.77
N TRP A 255 3.18 2.12 23.51
CA TRP A 255 2.22 1.25 22.82
C TRP A 255 2.03 -0.06 23.56
N LEU A 256 3.13 -0.70 23.96
CA LEU A 256 3.06 -1.99 24.64
C LEU A 256 2.35 -1.87 25.97
N ASP A 257 2.62 -0.77 26.70
CA ASP A 257 1.91 -0.53 27.95
C ASP A 257 0.40 -0.48 27.72
N ALA A 258 -0.03 0.28 26.70
CA ALA A 258 -1.46 0.35 26.39
C ALA A 258 -2.00 -1.00 25.96
N MET A 259 -1.21 -1.80 25.24
CA MET A 259 -1.66 -3.13 24.86
C MET A 259 -1.85 -4.02 26.08
N ASP A 260 -0.91 -3.97 27.02
CA ASP A 260 -1.06 -4.78 28.22
C ASP A 260 -2.28 -4.37 29.02
N LYS A 261 -2.53 -3.07 29.15
CA LYS A 261 -3.71 -2.64 29.88
C LYS A 261 -4.98 -3.06 29.15
N LEU A 262 -4.96 -3.03 27.82
CA LEU A 262 -6.11 -3.49 27.04
C LEU A 262 -6.38 -4.96 27.29
N LEU A 263 -5.37 -5.81 27.14
CA LEU A 263 -5.57 -7.25 27.33
C LEU A 263 -6.04 -7.56 28.74
N ALA A 264 -5.59 -6.78 29.73
CA ALA A 264 -6.09 -7.00 31.09
C ALA A 264 -7.59 -6.75 31.17
N TYR A 265 -8.06 -5.67 30.56
CA TYR A 265 -9.47 -5.34 30.62
C TYR A 265 -10.31 -6.34 29.84
N LEU A 266 -9.81 -6.78 28.68
CA LEU A 266 -10.52 -7.80 27.92
C LEU A 266 -10.56 -9.12 28.69
N ASN A 267 -9.46 -9.48 29.34
CA ASN A 267 -9.46 -10.71 30.13
C ASN A 267 -10.49 -10.65 31.24
N GLU A 268 -10.55 -9.51 31.95
CA GLU A 268 -11.53 -9.35 33.04
C GLU A 268 -12.95 -9.53 32.55
N ASN A 269 -13.20 -9.29 31.26
CA ASN A 269 -14.54 -9.34 30.71
C ASN A 269 -14.73 -10.49 29.73
N CYS A 270 -13.79 -11.43 29.67
CA CYS A 270 -13.87 -12.58 28.78
C CYS A 270 -14.14 -12.17 27.34
N ILE A 271 -13.50 -11.08 26.90
CA ILE A 271 -13.65 -10.61 25.52
C ILE A 271 -12.43 -11.10 24.74
N PRO A 272 -12.60 -12.00 23.77
CA PRO A 272 -11.45 -12.42 22.96
C PRO A 272 -10.94 -11.31 22.07
N ILE A 273 -9.68 -11.45 21.69
CA ILE A 273 -9.05 -10.50 20.78
C ILE A 273 -8.40 -11.27 19.64
N ASN A 274 -8.40 -10.65 18.46
CA ASN A 274 -7.60 -11.13 17.34
C ASN A 274 -6.61 -10.02 17.02
N TYR A 275 -5.34 -10.27 17.31
CA TYR A 275 -4.31 -9.29 17.01
C TYR A 275 -4.19 -9.05 15.49
N TRP A 276 -4.07 -7.78 15.11
CA TRP A 276 -3.84 -7.44 13.71
C TRP A 276 -2.41 -6.96 13.50
N ALA A 277 -1.56 -7.73 12.82
CA ALA A 277 -1.89 -9.01 12.21
C ALA A 277 -0.63 -9.84 12.01
N ALA A 278 -0.81 -11.15 11.91
CA ALA A 278 0.20 -12.02 11.35
C ALA A 278 -0.14 -12.26 9.90
N GLY A 279 0.67 -13.07 9.24
CA GLY A 279 0.36 -13.42 7.88
C GLY A 279 1.62 -13.65 7.08
N PRO A 280 1.49 -14.37 5.96
CA PRO A 280 2.68 -14.87 5.25
C PRO A 280 3.39 -13.84 4.38
N SER A 281 2.80 -12.68 4.10
CA SER A 281 3.38 -11.76 3.13
C SER A 281 3.20 -10.30 3.58
N TRP A 282 3.67 -10.01 4.78
CA TRP A 282 3.56 -8.66 5.33
C TRP A 282 4.81 -7.81 5.15
N GLY A 283 5.97 -8.40 4.89
CA GLY A 283 7.17 -7.59 4.76
C GLY A 283 7.46 -6.79 6.01
N ASN A 284 7.82 -5.51 5.83
CA ASN A 284 8.13 -4.64 6.95
C ASN A 284 6.93 -3.84 7.43
N TYR A 285 5.72 -4.36 7.23
CA TYR A 285 4.50 -3.73 7.75
C TYR A 285 4.62 -3.51 9.25
N LYS A 286 4.30 -2.30 9.68
CA LYS A 286 4.69 -1.89 11.03
C LYS A 286 3.93 -2.65 12.12
N LEU A 287 2.74 -3.17 11.83
CA LEU A 287 1.98 -3.86 12.86
C LEU A 287 2.17 -5.37 12.83
N SER A 288 2.94 -5.89 11.86
CA SER A 288 3.06 -7.33 11.70
C SER A 288 3.67 -7.98 12.95
N ILE A 289 3.12 -9.13 13.33
CA ILE A 289 3.77 -9.99 14.32
C ILE A 289 4.30 -11.26 13.67
N GLU A 290 4.25 -11.35 12.35
CA GLU A 290 4.87 -12.48 11.67
C GLU A 290 6.37 -12.43 11.89
N PRO A 291 7.01 -13.55 12.23
CA PRO A 291 8.47 -13.54 12.37
C PRO A 291 9.14 -13.00 11.13
N LYS A 292 10.13 -12.14 11.33
CA LYS A 292 10.93 -11.61 10.25
C LYS A 292 12.33 -11.35 10.80
N ASP A 293 13.33 -11.92 10.13
CA ASP A 293 14.74 -11.75 10.49
C ASP A 293 15.04 -10.32 10.91
N GLY A 294 15.58 -10.16 12.11
CA GLY A 294 15.96 -8.84 12.57
C GLY A 294 14.83 -7.93 13.02
N GLU A 295 13.59 -8.40 12.97
CA GLU A 295 12.46 -7.61 13.46
C GLU A 295 12.03 -8.14 14.81
N LYS A 296 11.95 -7.25 15.79
CA LYS A 296 11.48 -7.61 17.11
C LYS A 296 9.95 -7.59 17.14
N ARG A 297 9.35 -8.51 17.90
CA ARG A 297 7.89 -8.61 18.02
C ARG A 297 7.51 -8.65 19.49
N PRO A 298 7.73 -7.55 20.22
CA PRO A 298 7.36 -7.54 21.65
C PRO A 298 5.88 -7.84 21.89
N GLN A 299 5.00 -7.58 20.90
CA GLN A 299 3.57 -7.81 21.09
C GLN A 299 3.26 -9.28 21.35
N VAL A 300 4.02 -10.20 20.75
CA VAL A 300 3.70 -11.61 20.88
C VAL A 300 3.92 -12.11 22.30
N ALA A 301 4.87 -11.51 23.02
CA ALA A 301 5.05 -11.87 24.43
C ALA A 301 3.81 -11.52 25.24
N LEU A 302 3.22 -10.33 24.99
CA LEU A 302 2.01 -9.95 25.71
C LEU A 302 0.85 -10.87 25.38
N LEU A 303 0.75 -11.30 24.12
CA LEU A 303 -0.30 -12.23 23.75
C LEU A 303 -0.14 -13.55 24.48
N LYS A 304 1.09 -14.06 24.57
CA LYS A 304 1.31 -15.33 25.26
C LYS A 304 1.06 -15.17 26.76
N LYS A 305 1.50 -14.05 27.34
CA LYS A 305 1.24 -13.76 28.74
C LYS A 305 -0.25 -13.88 29.05
N TYR A 306 -1.08 -13.28 28.19
CA TYR A 306 -2.51 -13.35 28.45
C TYR A 306 -3.16 -14.62 27.95
N ALA A 307 -2.53 -15.33 27.00
CA ALA A 307 -3.06 -16.65 26.65
C ALA A 307 -2.99 -17.60 27.84
N ALA A 308 -1.97 -17.46 28.68
CA ALA A 308 -1.82 -18.32 29.84
C ALA A 308 -2.75 -17.90 30.99
N LYS A 309 -3.26 -16.67 30.98
CA LYS A 309 -4.19 -16.20 31.98
C LYS A 309 -5.66 -16.42 31.59
N ASP A 310 -5.90 -16.97 30.41
CA ASP A 310 -7.25 -17.18 29.89
C ASP A 310 -7.96 -18.23 30.74
N ASN A 311 -8.97 -17.79 31.52
CA ASN A 311 -9.78 -18.68 32.34
C ASN A 311 -11.26 -18.58 31.97
N CYS A 312 -11.56 -18.23 30.73
CA CYS A 312 -12.94 -18.04 30.28
C CYS A 312 -13.41 -19.25 29.52
N SER A 313 -14.71 -19.57 29.69
CA SER A 313 -15.34 -20.68 28.98
C SER A 313 -16.23 -20.23 27.84
N ASP A 314 -16.50 -18.93 27.72
CA ASP A 314 -17.41 -18.44 26.69
C ASP A 314 -17.13 -16.95 26.49
N PHE A 315 -17.68 -16.42 25.39
CA PHE A 315 -17.59 -14.97 25.15
C PHE A 315 -18.24 -14.22 26.29
N GLY A 316 -17.54 -13.24 26.83
CA GLY A 316 -18.13 -12.32 27.77
C GLY A 316 -18.80 -11.14 27.08
N PRO A 317 -19.19 -10.14 27.86
CA PRO A 317 -19.02 -10.06 29.32
C PRO A 317 -20.09 -10.87 30.07
N ALA A 318 -19.84 -11.17 31.34
CA ALA A 318 -20.80 -11.93 32.12
C ALA A 318 -22.07 -11.12 32.37
N LYS A 319 -23.21 -11.79 32.37
CA LYS A 319 -24.47 -11.14 32.71
C LYS A 319 -24.68 -11.12 34.22
N ALA A 320 -25.36 -10.08 34.70
CA ALA A 320 -25.72 -9.99 36.10
C ALA A 320 -26.72 -11.09 36.46
N GLU A 321 -26.60 -11.63 37.67
CA GLU A 321 -27.38 -12.82 38.07
C GLU A 321 -28.63 -12.52 38.90
N VAL B 2 11.86 -5.70 -12.03
CA VAL B 2 12.13 -4.57 -12.92
C VAL B 2 11.27 -4.64 -14.19
N ASP B 3 10.29 -3.74 -14.26
CA ASP B 3 9.48 -3.56 -15.45
C ASP B 3 10.19 -2.57 -16.35
N LEU B 4 10.35 -2.92 -17.62
CA LEU B 4 11.03 -2.00 -18.52
C LEU B 4 10.15 -0.80 -18.87
N ILE B 5 8.84 -0.89 -18.67
CA ILE B 5 7.93 0.17 -19.11
C ILE B 5 7.20 0.69 -17.88
N GLY B 6 7.36 1.98 -17.61
CA GLY B 6 6.65 2.63 -16.54
C GLY B 6 6.28 4.03 -16.96
N ILE B 7 5.64 4.75 -16.05
CA ILE B 7 5.16 6.10 -16.34
C ILE B 7 5.44 7.00 -15.15
N ASN B 8 5.70 8.27 -15.45
CA ASN B 8 5.64 9.31 -14.43
C ASN B 8 4.17 9.65 -14.17
N VAL B 9 3.82 9.80 -12.89
CA VAL B 9 2.52 10.34 -12.51
C VAL B 9 2.79 11.65 -11.81
N ALA B 10 2.66 12.74 -12.55
CA ALA B 10 3.05 14.07 -12.08
C ALA B 10 1.83 14.83 -11.58
N GLY B 11 2.08 15.78 -10.67
CA GLY B 11 1.01 16.57 -10.12
C GLY B 11 1.33 17.08 -8.73
N ALA B 12 2.03 16.26 -7.94
CA ALA B 12 2.29 16.66 -6.56
C ALA B 12 3.34 17.77 -6.47
N GLU B 13 4.07 18.01 -7.56
CA GLU B 13 5.13 18.99 -7.60
C GLU B 13 4.71 20.26 -8.34
N PHE B 14 3.44 20.35 -8.74
CA PHE B 14 2.97 21.42 -9.60
C PHE B 14 2.97 22.75 -8.86
N THR B 15 2.97 23.84 -9.63
CA THR B 15 2.89 25.19 -9.06
C THR B 15 3.89 25.35 -7.92
N GLY B 16 5.15 25.07 -8.22
CA GLY B 16 6.22 25.14 -7.22
C GLY B 16 6.37 26.50 -6.58
N GLY B 17 5.88 27.55 -7.23
CA GLY B 17 5.92 28.86 -6.62
C GLY B 17 5.06 28.99 -5.38
N LYS B 18 4.01 28.18 -5.28
CA LYS B 18 3.06 28.27 -4.17
C LYS B 18 3.40 27.25 -3.09
N LEU B 19 3.94 27.75 -1.99
CA LEU B 19 4.39 26.92 -0.88
C LEU B 19 3.80 27.43 0.41
N PRO B 20 3.12 26.56 1.18
CA PRO B 20 2.85 25.13 0.94
C PRO B 20 1.96 24.82 -0.27
N GLY B 21 1.07 25.74 -0.63
CA GLY B 21 0.06 25.47 -1.62
C GLY B 21 -1.07 24.61 -1.07
N LYS B 22 -2.18 24.57 -1.81
CA LYS B 22 -3.36 23.81 -1.43
C LYS B 22 -3.52 22.62 -2.37
N HIS B 23 -3.74 21.45 -1.78
CA HIS B 23 -4.04 20.29 -2.60
C HIS B 23 -5.39 20.47 -3.27
N GLY B 24 -5.44 20.15 -4.57
CA GLY B 24 -6.63 20.40 -5.35
C GLY B 24 -6.66 21.78 -6.01
N THR B 25 -5.73 22.66 -5.63
CA THR B 25 -5.62 23.98 -6.25
C THR B 25 -4.26 24.18 -6.91
N HIS B 26 -3.18 24.04 -6.16
CA HIS B 26 -1.86 24.22 -6.75
C HIS B 26 -1.17 22.90 -7.11
N TYR B 27 -1.51 21.81 -6.44
CA TYR B 27 -0.87 20.52 -6.72
C TYR B 27 -1.90 19.42 -6.51
N PHE B 28 -1.62 18.26 -7.11
CA PHE B 28 -2.64 17.24 -7.30
C PHE B 28 -2.04 15.86 -7.12
N PHE B 29 -2.58 15.10 -6.16
CA PHE B 29 -2.27 13.69 -6.02
C PHE B 29 -3.33 12.85 -6.74
N PRO B 30 -3.02 11.59 -7.07
CA PRO B 30 -4.00 10.75 -7.78
C PRO B 30 -5.29 10.65 -6.99
N PRO B 31 -6.44 10.89 -7.62
CA PRO B 31 -7.72 10.63 -6.95
C PRO B 31 -7.93 9.14 -6.78
N GLU B 32 -8.93 8.79 -5.97
CA GLU B 32 -9.28 7.38 -5.86
C GLU B 32 -9.72 6.86 -7.22
N GLY B 33 -9.32 5.63 -7.53
CA GLY B 33 -9.59 5.05 -8.82
C GLY B 33 -8.52 5.33 -9.86
N TYR B 34 -7.55 6.18 -9.55
CA TYR B 34 -6.60 6.62 -10.56
C TYR B 34 -5.75 5.46 -11.06
N PHE B 35 -5.18 4.67 -10.15
CA PHE B 35 -4.23 3.65 -10.60
C PHE B 35 -4.92 2.49 -11.29
N GLU B 36 -6.24 2.34 -11.14
CA GLU B 36 -6.94 1.24 -11.79
C GLU B 36 -6.81 1.32 -13.31
N TYR B 37 -6.98 2.51 -13.87
CA TYR B 37 -6.83 2.67 -15.31
C TYR B 37 -5.46 2.21 -15.76
N TRP B 38 -4.42 2.72 -15.11
CA TRP B 38 -3.07 2.37 -15.54
C TRP B 38 -2.75 0.91 -15.28
N SER B 39 -3.24 0.36 -14.17
CA SER B 39 -3.06 -1.06 -13.94
C SER B 39 -3.70 -1.87 -15.05
N GLU B 40 -4.92 -1.49 -15.46
CA GLU B 40 -5.61 -2.23 -16.50
C GLU B 40 -4.91 -2.08 -17.85
N GLN B 41 -4.16 -1.00 -18.04
CA GLN B 41 -3.34 -0.83 -19.23
C GLN B 41 -2.04 -1.62 -19.16
N GLY B 42 -1.78 -2.30 -18.04
CA GLY B 42 -0.61 -3.14 -17.93
C GLY B 42 0.64 -2.42 -17.45
N ILE B 43 0.49 -1.21 -16.91
CA ILE B 43 1.62 -0.47 -16.36
C ILE B 43 1.74 -0.83 -14.89
N HIS B 44 2.96 -1.19 -14.48
CA HIS B 44 3.17 -1.65 -13.11
C HIS B 44 4.16 -0.80 -12.34
N THR B 45 4.83 0.15 -12.98
CA THR B 45 5.81 0.99 -12.32
C THR B 45 5.49 2.45 -12.59
N VAL B 46 5.53 3.26 -11.53
CA VAL B 46 5.19 4.67 -11.58
C VAL B 46 6.31 5.45 -10.92
N ARG B 47 6.83 6.46 -11.60
CA ARG B 47 7.70 7.45 -10.99
C ARG B 47 6.86 8.62 -10.51
N PHE B 48 7.03 9.01 -9.25
CA PHE B 48 6.12 9.97 -8.62
C PHE B 48 6.86 11.20 -8.11
N PRO B 49 6.81 12.32 -8.82
CA PRO B 49 7.52 13.52 -8.35
C PRO B 49 6.91 14.07 -7.07
N LEU B 50 7.79 14.49 -6.15
CA LEU B 50 7.43 15.17 -4.92
C LEU B 50 8.21 16.46 -4.85
N LYS B 51 7.63 17.49 -4.23
CA LYS B 51 8.35 18.74 -4.04
C LYS B 51 8.94 18.77 -2.63
N TRP B 52 10.27 18.90 -2.55
CA TRP B 52 10.98 18.91 -1.27
C TRP B 52 10.41 19.95 -0.32
N GLU B 53 10.12 21.16 -0.82
CA GLU B 53 9.65 22.23 0.06
C GLU B 53 8.28 21.94 0.66
N ARG B 54 7.48 21.11 0.01
CA ARG B 54 6.20 20.73 0.60
C ARG B 54 6.38 19.57 1.57
N LEU B 55 7.26 18.63 1.23
CA LEU B 55 7.58 17.53 2.14
C LEU B 55 8.17 18.04 3.44
N GLN B 56 9.00 19.08 3.35
CA GLN B 56 9.83 19.55 4.45
C GLN B 56 9.92 21.07 4.36
N PRO B 57 8.95 21.78 4.97
CA PRO B 57 8.88 23.25 4.82
C PRO B 57 10.00 24.00 5.49
N SER B 58 10.71 23.37 6.41
CA SER B 58 11.92 23.91 7.00
C SER B 58 12.98 22.84 6.93
N LEU B 59 14.21 23.24 6.61
CA LEU B 59 15.30 22.28 6.58
C LEU B 59 15.44 21.61 7.93
N ASN B 60 15.73 20.31 7.91
CA ASN B 60 16.02 19.50 9.09
C ASN B 60 14.82 19.29 10.00
N ALA B 61 13.62 19.63 9.57
CA ALA B 61 12.44 19.47 10.40
C ALA B 61 11.63 18.25 9.97
N GLU B 62 10.63 17.92 10.79
CA GLU B 62 9.72 16.82 10.52
CA GLU B 62 9.72 16.81 10.52
C GLU B 62 9.06 17.00 9.16
N LEU B 63 8.72 15.88 8.51
CA LEU B 63 7.98 15.98 7.26
C LEU B 63 6.59 16.55 7.51
N ASP B 64 6.12 17.37 6.57
CA ASP B 64 4.81 17.98 6.71
C ASP B 64 3.71 16.92 6.78
N ASP B 65 2.85 17.03 7.79
CA ASP B 65 1.83 16.02 8.02
C ASP B 65 0.89 15.88 6.82
N VAL B 66 0.37 17.00 6.33
CA VAL B 66 -0.65 16.95 5.28
C VAL B 66 -0.07 16.34 4.00
N TYR B 67 1.06 16.90 3.55
CA TYR B 67 1.67 16.45 2.29
C TYR B 67 2.18 15.02 2.39
N ALA B 68 2.86 14.68 3.49
CA ALA B 68 3.36 13.32 3.62
C ALA B 68 2.22 12.32 3.74
N SER B 69 1.11 12.71 4.36
CA SER B 69 -0.02 11.81 4.42
C SER B 69 -0.64 11.59 3.05
N LEU B 70 -0.59 12.59 2.18
CA LEU B 70 -1.05 12.38 0.80
C LEU B 70 -0.15 11.36 0.09
N VAL B 71 1.16 11.41 0.37
CA VAL B 71 2.05 10.39 -0.19
C VAL B 71 1.68 9.02 0.34
N ASP B 72 1.44 8.90 1.66
CA ASP B 72 0.98 7.64 2.23
C ASP B 72 -0.23 7.11 1.45
N ASP B 73 -1.24 7.97 1.28
CA ASP B 73 -2.46 7.58 0.58
C ASP B 73 -2.17 7.10 -0.83
N MET B 74 -1.31 7.83 -1.55
CA MET B 74 -0.94 7.42 -2.90
C MET B 74 -0.28 6.04 -2.90
N LEU B 75 0.64 5.79 -1.96
CA LEU B 75 1.31 4.51 -1.92
C LEU B 75 0.33 3.40 -1.57
N ASP B 76 -0.62 3.68 -0.67
CA ASP B 76 -1.68 2.71 -0.41
C ASP B 76 -2.47 2.39 -1.66
N GLN B 77 -2.82 3.41 -2.44
CA GLN B 77 -3.57 3.14 -3.67
C GLN B 77 -2.72 2.35 -4.64
N ALA B 78 -1.44 2.69 -4.76
CA ALA B 78 -0.57 1.93 -5.66
C ALA B 78 -0.50 0.47 -5.24
N LYS B 79 -0.38 0.21 -3.94
CA LYS B 79 -0.29 -1.16 -3.47
C LYS B 79 -1.55 -1.96 -3.82
N GLU B 80 -2.71 -1.33 -3.64
CA GLU B 80 -3.96 -2.02 -3.95
C GLU B 80 -4.08 -2.36 -5.42
N ASN B 81 -3.35 -1.64 -6.29
CA ASN B 81 -3.45 -1.85 -7.73
C ASN B 81 -2.19 -2.46 -8.34
N ASP B 82 -1.32 -3.03 -7.51
CA ASP B 82 -0.13 -3.76 -7.98
C ASP B 82 0.80 -2.83 -8.75
N ILE B 83 0.92 -1.59 -8.26
CA ILE B 83 1.79 -0.56 -8.83
C ILE B 83 2.98 -0.40 -7.90
N LYS B 84 4.18 -0.45 -8.45
CA LYS B 84 5.39 -0.15 -7.71
C LYS B 84 5.76 1.29 -7.97
N VAL B 85 6.20 2.01 -6.94
CA VAL B 85 6.37 3.46 -7.04
C VAL B 85 7.82 3.84 -6.82
N ILE B 86 8.35 4.66 -7.73
CA ILE B 86 9.63 5.31 -7.53
C ILE B 86 9.33 6.72 -7.02
N LEU B 87 9.69 7.02 -5.78
CA LEU B 87 9.54 8.38 -5.30
C LEU B 87 10.67 9.23 -5.86
N ASP B 88 10.33 10.44 -6.30
CA ASP B 88 11.27 11.33 -6.99
C ASP B 88 11.26 12.66 -6.25
N VAL B 89 12.40 13.02 -5.66
CA VAL B 89 12.54 14.34 -5.06
C VAL B 89 12.78 15.30 -6.22
N HIS B 90 11.73 16.01 -6.64
CA HIS B 90 11.71 16.65 -7.96
C HIS B 90 12.20 18.09 -7.85
N ASN B 91 13.49 18.24 -7.50
CA ASN B 91 13.96 19.53 -7.02
C ASN B 91 15.22 20.12 -7.65
N TYR B 92 15.80 19.49 -8.67
CA TYR B 92 16.91 20.12 -9.41
C TYR B 92 18.08 20.46 -8.51
N ALA B 93 18.26 19.67 -7.45
CA ALA B 93 19.37 19.82 -6.49
C ALA B 93 19.32 21.17 -5.78
N ARG B 94 18.12 21.70 -5.60
CA ARG B 94 17.91 22.98 -4.94
C ARG B 94 16.79 22.87 -3.93
N TYR B 95 16.89 23.69 -2.88
CA TYR B 95 15.83 23.87 -1.91
C TYR B 95 15.59 25.37 -1.79
N ARG B 96 14.34 25.79 -2.02
CA ARG B 96 14.00 27.21 -2.06
C ARG B 96 15.02 27.97 -2.90
N LYS B 97 15.31 27.40 -4.08
CA LYS B 97 16.11 27.98 -5.16
C LYS B 97 17.61 28.07 -4.84
N LYS B 98 18.07 27.44 -3.77
CA LYS B 98 19.49 27.43 -3.45
C LYS B 98 20.04 26.01 -3.54
N VAL B 99 21.24 25.89 -4.09
CA VAL B 99 21.83 24.60 -4.47
C VAL B 99 22.27 23.82 -3.25
N ILE B 100 22.06 22.50 -3.26
CA ILE B 100 22.56 21.68 -2.17
C ILE B 100 24.08 21.75 -2.13
N GLY B 101 24.62 22.10 -0.98
CA GLY B 101 26.05 22.30 -0.83
C GLY B 101 26.44 23.75 -0.66
N THR B 102 25.50 24.66 -0.83
CA THR B 102 25.75 26.04 -0.42
C THR B 102 25.51 26.17 1.08
N GLU B 103 25.85 27.34 1.62
CA GLU B 103 25.64 27.56 3.05
C GLU B 103 24.16 27.55 3.40
N ASP B 104 23.30 27.92 2.44
CA ASP B 104 21.86 27.95 2.73
C ASP B 104 21.26 26.55 2.79
N VAL B 105 21.80 25.61 2.02
CA VAL B 105 21.27 24.26 1.94
C VAL B 105 22.46 23.31 2.10
N PRO B 106 22.90 23.05 3.32
CA PRO B 106 24.04 22.16 3.51
C PRO B 106 23.71 20.74 3.08
N VAL B 107 24.74 20.02 2.67
CA VAL B 107 24.61 18.62 2.30
C VAL B 107 23.93 17.83 3.42
N SER B 108 24.22 18.18 4.67
CA SER B 108 23.59 17.47 5.79
C SER B 108 22.07 17.67 5.82
N ALA B 109 21.56 18.80 5.31
CA ALA B 109 20.11 18.98 5.29
C ALA B 109 19.46 18.09 4.23
N TYR B 110 20.12 17.93 3.09
CA TYR B 110 19.61 17.01 2.09
C TYR B 110 19.66 15.58 2.59
N GLN B 111 20.73 15.21 3.29
CA GLN B 111 20.79 13.88 3.90
C GLN B 111 19.64 13.68 4.88
N ASP B 112 19.32 14.72 5.65
CA ASP B 112 18.21 14.61 6.58
C ASP B 112 16.90 14.35 5.87
N LEU B 113 16.66 15.02 4.74
CA LEU B 113 15.45 14.74 3.99
C LEU B 113 15.40 13.26 3.61
N MET B 114 16.50 12.74 3.09
CA MET B 114 16.46 11.40 2.55
C MET B 114 16.34 10.37 3.67
N GLU B 115 16.91 10.65 4.84
CA GLU B 115 16.66 9.79 6.00
C GLU B 115 15.17 9.76 6.35
N ARG B 116 14.53 10.93 6.37
CA ARG B 116 13.13 11.00 6.75
C ARG B 116 12.23 10.33 5.73
N ILE B 117 12.56 10.43 4.44
CA ILE B 117 11.76 9.72 3.45
C ILE B 117 11.91 8.21 3.62
N ALA B 118 13.14 7.72 3.75
CA ALA B 118 13.33 6.29 3.90
C ALA B 118 12.72 5.81 5.22
N LYS B 119 12.88 6.58 6.28
CA LYS B 119 12.30 6.15 7.55
C LYS B 119 10.79 5.99 7.43
N ARG B 120 10.13 6.91 6.73
CA ARG B 120 8.68 6.86 6.70
C ARG B 120 8.15 5.76 5.79
N TRP B 121 8.82 5.49 4.67
CA TRP B 121 8.23 4.67 3.63
C TRP B 121 8.98 3.39 3.32
N GLN B 122 10.16 3.14 3.92
CA GLN B 122 10.84 1.86 3.69
C GLN B 122 9.94 0.68 3.99
N GLY B 123 9.00 0.84 4.93
CA GLY B 123 8.11 -0.25 5.27
C GLY B 123 6.96 -0.46 4.32
N HIS B 124 6.82 0.39 3.31
CA HIS B 124 5.63 0.35 2.47
C HIS B 124 5.91 -0.54 1.26
N ASP B 125 5.09 -1.59 1.10
CA ASP B 125 5.38 -2.55 0.04
C ASP B 125 5.26 -1.95 -1.36
N ALA B 126 4.49 -0.88 -1.53
CA ALA B 126 4.39 -0.27 -2.86
C ALA B 126 5.64 0.50 -3.25
N LEU B 127 6.51 0.81 -2.31
CA LEU B 127 7.71 1.56 -2.68
C LEU B 127 8.68 0.64 -3.39
N PHE B 128 9.12 1.07 -4.57
CA PHE B 128 10.08 0.31 -5.35
C PHE B 128 11.49 0.85 -5.22
N ALA B 129 11.66 2.17 -5.32
CA ALA B 129 12.99 2.76 -5.40
C ALA B 129 12.90 4.23 -5.08
N TYR B 130 14.07 4.84 -4.86
CA TYR B 130 14.19 6.26 -4.57
C TYR B 130 14.98 6.91 -5.71
N ASP B 131 14.32 7.81 -6.43
CA ASP B 131 15.03 8.69 -7.36
C ASP B 131 15.37 9.91 -6.50
N ILE B 132 16.61 9.95 -5.98
CA ILE B 132 16.90 10.82 -4.86
C ILE B 132 16.91 12.29 -5.26
N MET B 133 17.05 12.59 -6.55
CA MET B 133 16.97 13.98 -6.97
C MET B 133 16.78 14.10 -8.47
N ASN B 134 15.77 14.88 -8.88
CA ASN B 134 15.44 15.12 -10.29
C ASN B 134 16.34 16.21 -10.86
N ALA B 135 17.03 15.89 -11.96
CA ALA B 135 17.63 16.86 -12.87
C ALA B 135 18.44 17.99 -12.22
N PRO B 136 19.51 17.65 -11.51
CA PRO B 136 20.48 18.69 -11.15
C PRO B 136 20.92 19.45 -12.39
N TYR B 137 21.17 20.75 -12.25
CA TYR B 137 21.62 21.53 -13.40
C TYR B 137 22.33 22.77 -12.91
N GLY B 138 23.08 23.37 -13.83
CA GLY B 138 23.67 24.67 -13.59
C GLY B 138 24.68 24.62 -12.46
N SER B 139 24.56 25.60 -11.56
CA SER B 139 25.45 25.73 -10.41
C SER B 139 25.45 24.47 -9.56
N ALA B 140 24.42 23.63 -9.68
CA ALA B 140 24.36 22.40 -8.90
C ALA B 140 25.23 21.29 -9.48
N ASP B 141 25.61 21.38 -10.76
CA ASP B 141 26.35 20.30 -11.42
C ASP B 141 27.61 19.91 -10.64
N LYS B 142 28.49 20.86 -10.35
CA LYS B 142 29.75 20.52 -9.71
C LYS B 142 29.56 20.02 -8.29
N LEU B 143 28.52 20.49 -7.62
CA LEU B 143 28.24 20.16 -6.24
C LEU B 143 27.40 18.90 -6.08
N TRP B 144 26.86 18.39 -7.17
CA TRP B 144 25.90 17.31 -7.09
C TRP B 144 26.52 15.99 -6.65
N PRO B 145 27.72 15.59 -7.12
CA PRO B 145 28.28 14.32 -6.63
C PRO B 145 28.40 14.24 -5.12
N ALA B 146 28.84 15.31 -4.46
CA ALA B 146 28.87 15.29 -3.00
C ALA B 146 27.46 15.20 -2.43
N ALA B 147 26.51 15.93 -3.01
CA ALA B 147 25.14 15.87 -2.53
C ALA B 147 24.57 14.48 -2.72
N ALA B 148 24.82 13.87 -3.89
CA ALA B 148 24.35 12.51 -4.15
C ALA B 148 24.85 11.53 -3.09
N GLN B 149 26.14 11.63 -2.71
CA GLN B 149 26.63 10.73 -1.69
C GLN B 149 25.88 10.92 -0.38
N ALA B 150 25.61 12.16 0.00
CA ALA B 150 24.84 12.37 1.23
C ALA B 150 23.44 11.79 1.12
N GLY B 151 22.80 11.94 -0.05
CA GLY B 151 21.45 11.42 -0.19
C GLY B 151 21.44 9.91 -0.08
N ILE B 152 22.43 9.27 -0.68
CA ILE B 152 22.60 7.82 -0.57
C ILE B 152 22.75 7.43 0.88
N ASP B 153 23.69 8.07 1.58
CA ASP B 153 23.90 7.79 3.00
C ASP B 153 22.61 7.96 3.78
N GLY B 154 21.82 8.98 3.43
CA GLY B 154 20.58 9.23 4.14
C GLY B 154 19.57 8.12 3.97
N VAL B 155 19.33 7.69 2.71
CA VAL B 155 18.40 6.60 2.47
C VAL B 155 18.88 5.33 3.17
N ARG B 156 20.16 5.02 3.04
CA ARG B 156 20.72 3.77 3.53
C ARG B 156 20.71 3.67 5.05
N LYS B 157 20.47 4.77 5.77
CA LYS B 157 20.29 4.66 7.21
C LYS B 157 19.07 3.82 7.55
N TYR B 158 18.01 3.92 6.74
CA TYR B 158 16.77 3.22 7.06
C TYR B 158 16.35 2.20 6.03
N ASP B 159 16.91 2.23 4.83
CA ASP B 159 16.53 1.31 3.76
C ASP B 159 17.82 0.78 3.15
N LYS B 160 18.20 -0.43 3.56
CA LYS B 160 19.46 -1.02 3.16
C LYS B 160 19.36 -1.83 1.87
N LYS B 161 18.18 -1.92 1.27
CA LYS B 161 18.03 -2.85 0.15
C LYS B 161 17.58 -2.19 -1.14
N ARG B 162 16.68 -1.22 -1.09
CA ARG B 162 16.01 -0.78 -2.32
C ARG B 162 16.97 -0.07 -3.27
N PRO B 163 16.66 -0.09 -4.56
CA PRO B 163 17.49 0.62 -5.55
C PRO B 163 17.46 2.13 -5.31
N LEU B 164 18.61 2.76 -5.51
CA LEU B 164 18.73 4.21 -5.52
C LEU B 164 18.98 4.64 -6.95
N LEU B 165 18.11 5.50 -7.46
CA LEU B 165 18.28 6.03 -8.80
C LEU B 165 19.02 7.35 -8.69
N ILE B 166 20.18 7.42 -9.34
CA ILE B 166 21.12 8.53 -9.23
C ILE B 166 21.13 9.23 -10.57
N GLU B 167 20.65 10.47 -10.57
CA GLU B 167 20.63 11.27 -11.76
C GLU B 167 21.95 12.00 -11.93
N GLY B 168 22.13 12.57 -13.11
CA GLY B 168 23.37 13.23 -13.47
C GLY B 168 23.22 14.73 -13.63
N ALA B 169 24.37 15.37 -13.77
CA ALA B 169 24.40 16.80 -14.00
C ALA B 169 23.75 17.14 -15.33
N SER B 170 23.55 18.44 -15.55
CA SER B 170 23.06 18.93 -16.84
C SER B 170 21.69 18.34 -17.15
N TRP B 171 20.78 18.46 -16.19
CA TRP B 171 19.41 18.00 -16.32
C TRP B 171 19.33 16.49 -16.48
N SER B 172 20.36 15.78 -16.02
CA SER B 172 20.47 14.33 -16.20
C SER B 172 20.38 13.96 -17.68
N SER B 173 20.94 14.81 -18.54
CA SER B 173 20.87 14.56 -19.97
C SER B 173 21.58 13.26 -20.33
N ALA B 174 20.85 12.37 -21.02
CA ALA B 174 21.45 11.14 -21.52
C ALA B 174 22.51 11.45 -22.58
N ALA B 175 22.21 12.39 -23.49
CA ALA B 175 23.12 12.67 -24.59
C ALA B 175 24.43 13.26 -24.11
N ARG B 176 24.39 14.03 -23.04
CA ARG B 176 25.58 14.68 -22.51
C ARG B 176 26.20 13.90 -21.37
N TRP B 177 25.64 12.73 -21.04
CA TRP B 177 26.01 12.01 -19.83
C TRP B 177 27.52 11.83 -19.65
N PRO B 178 28.27 11.27 -20.60
CA PRO B 178 29.68 11.01 -20.32
C PRO B 178 30.52 12.28 -20.18
N ARG B 179 30.01 13.45 -20.57
CA ARG B 179 30.78 14.68 -20.38
C ARG B 179 30.99 14.99 -18.91
N TYR B 180 30.10 14.54 -18.04
CA TYR B 180 30.15 14.90 -16.63
C TYR B 180 30.02 13.73 -15.67
N ALA B 181 29.64 12.54 -16.14
CA ALA B 181 29.25 11.50 -15.21
C ALA B 181 30.43 10.81 -14.55
N ASP B 182 31.67 11.03 -15.00
CA ASP B 182 32.78 10.35 -14.36
C ASP B 182 32.89 10.74 -12.89
N GLU B 183 32.41 11.92 -12.52
CA GLU B 183 32.40 12.31 -11.12
C GLU B 183 31.45 11.46 -10.29
N LEU B 184 30.53 10.73 -10.92
CA LEU B 184 29.62 9.85 -10.22
C LEU B 184 30.21 8.48 -9.96
N LEU B 185 31.31 8.13 -10.60
CA LEU B 185 31.95 6.85 -10.37
C LEU B 185 32.45 6.71 -8.94
N LYS B 186 32.72 7.82 -8.25
CA LYS B 186 33.20 7.70 -6.88
C LYS B 186 32.08 7.47 -5.87
N LEU B 187 30.81 7.48 -6.28
CA LEU B 187 29.73 7.23 -5.33
C LEU B 187 29.82 5.81 -4.77
N LYS B 188 29.54 5.69 -3.48
CA LYS B 188 29.64 4.42 -2.77
C LYS B 188 28.28 4.07 -2.19
N ASP B 189 27.79 2.89 -2.53
CA ASP B 189 26.56 2.37 -1.92
C ASP B 189 26.90 1.05 -1.23
N PRO B 190 26.80 0.98 0.10
CA PRO B 190 27.09 -0.29 0.79
C PRO B 190 26.20 -1.43 0.35
N ALA B 191 25.01 -1.14 -0.18
CA ALA B 191 24.14 -2.16 -0.73
C ALA B 191 24.47 -2.52 -2.17
N ASP B 192 25.34 -1.74 -2.83
CA ASP B 192 25.67 -1.92 -4.25
C ASP B 192 24.41 -2.06 -5.09
N ASN B 193 23.47 -1.15 -4.88
CA ASN B 193 22.21 -1.17 -5.61
C ASN B 193 21.86 0.24 -6.08
N MET B 194 22.81 0.87 -6.78
CA MET B 194 22.59 2.14 -7.45
C MET B 194 22.26 1.91 -8.91
N VAL B 195 21.33 2.71 -9.43
CA VAL B 195 20.97 2.71 -10.84
C VAL B 195 21.06 4.14 -11.31
N PHE B 196 21.80 4.37 -12.39
CA PHE B 196 21.90 5.73 -12.91
C PHE B 196 20.71 5.99 -13.81
N SER B 197 20.15 7.19 -13.71
CA SER B 197 18.90 7.50 -14.39
C SER B 197 19.08 8.78 -15.17
N ALA B 198 18.98 8.69 -16.48
CA ALA B 198 19.13 9.83 -17.37
C ALA B 198 17.77 10.19 -17.97
N HIS B 199 17.73 11.33 -18.61
CA HIS B 199 16.51 11.83 -19.23
C HIS B 199 16.78 12.13 -20.69
N VAL B 200 15.74 12.03 -21.52
CA VAL B 200 15.94 12.28 -22.94
C VAL B 200 14.66 12.83 -23.55
N TYR B 201 14.81 13.90 -24.34
CA TYR B 201 13.73 14.40 -25.18
C TYR B 201 14.27 14.52 -26.59
N ILE B 202 13.38 14.49 -27.57
CA ILE B 202 13.84 14.41 -28.94
C ILE B 202 13.40 15.62 -29.77
N ASP B 203 13.05 16.70 -29.08
CA ASP B 203 12.86 17.97 -29.78
C ASP B 203 14.23 18.60 -30.07
N GLU B 204 14.21 19.73 -30.78
CA GLU B 204 15.44 20.21 -31.39
C GLU B 204 16.52 20.49 -30.36
N ASP B 205 16.17 21.17 -29.26
CA ASP B 205 17.14 21.52 -28.24
C ASP B 205 17.17 20.53 -27.07
N ALA B 206 16.40 19.43 -27.15
CA ALA B 206 16.36 18.36 -26.16
C ALA B 206 15.79 18.80 -24.81
N SER B 207 15.17 19.98 -24.75
CA SER B 207 14.55 20.45 -23.51
C SER B 207 13.22 19.79 -23.22
N GLY B 208 12.60 19.17 -24.21
CA GLY B 208 11.26 18.66 -24.02
C GLY B 208 10.16 19.68 -24.18
N SER B 209 10.46 20.89 -24.64
CA SER B 209 9.40 21.86 -24.84
C SER B 209 8.60 21.56 -26.11
N TYR B 210 9.24 20.94 -27.10
CA TYR B 210 8.62 20.66 -28.38
C TYR B 210 7.88 21.88 -28.91
N LYS B 211 8.56 23.03 -28.86
CA LYS B 211 7.95 24.26 -29.37
C LYS B 211 7.71 24.19 -30.86
N LYS B 212 8.48 23.38 -31.59
CA LYS B 212 8.28 23.18 -33.00
C LYS B 212 8.05 21.71 -33.30
N GLY B 213 7.54 21.43 -34.50
CA GLY B 213 7.38 20.08 -34.95
C GLY B 213 8.73 19.43 -35.23
N PRO B 214 8.67 18.19 -35.71
CA PRO B 214 9.93 17.50 -36.06
C PRO B 214 10.75 18.24 -37.10
N GLY B 215 10.10 18.83 -38.11
CA GLY B 215 10.82 19.51 -39.18
C GLY B 215 11.25 18.57 -40.29
N LYS B 216 11.71 19.18 -41.39
CA LYS B 216 11.92 18.43 -42.62
C LYS B 216 13.14 17.49 -42.53
N ASP B 217 14.11 17.81 -41.68
CA ASP B 217 15.29 16.96 -41.51
C ASP B 217 15.33 16.35 -40.11
N PHE B 218 14.17 15.91 -39.63
CA PHE B 218 14.09 15.15 -38.40
C PHE B 218 14.59 13.72 -38.63
N GLU B 219 15.19 13.15 -37.59
CA GLU B 219 15.91 11.89 -37.68
C GLU B 219 15.23 10.79 -36.87
N PRO B 220 14.73 9.71 -37.49
CA PRO B 220 14.05 8.65 -36.73
C PRO B 220 14.84 8.10 -35.55
N MET B 221 16.13 7.87 -35.70
CA MET B 221 16.93 7.32 -34.62
C MET B 221 17.41 8.37 -33.62
N ILE B 222 16.80 9.56 -33.59
CA ILE B 222 17.35 10.64 -32.77
C ILE B 222 17.31 10.27 -31.30
N GLY B 223 16.27 9.54 -30.89
CA GLY B 223 16.19 9.13 -29.49
C GLY B 223 17.28 8.14 -29.13
N VAL B 224 17.49 7.13 -29.98
CA VAL B 224 18.58 6.17 -29.76
C VAL B 224 19.91 6.88 -29.74
N LYS B 225 20.12 7.81 -30.68
CA LYS B 225 21.40 8.50 -30.72
C LYS B 225 21.61 9.35 -29.48
N ARG B 226 20.54 9.83 -28.86
CA ARG B 226 20.70 10.65 -27.68
C ARG B 226 20.86 9.82 -26.41
N VAL B 227 20.44 8.56 -26.39
CA VAL B 227 20.69 7.74 -25.21
C VAL B 227 21.94 6.88 -25.37
N GLU B 228 22.41 6.66 -26.59
CA GLU B 228 23.64 5.89 -26.78
C GLU B 228 24.80 6.34 -25.90
N PRO B 229 25.10 7.65 -25.77
CA PRO B 229 26.25 8.02 -24.91
C PRO B 229 26.08 7.55 -23.49
N PHE B 230 24.85 7.65 -22.96
CA PHE B 230 24.55 7.16 -21.63
C PHE B 230 24.72 5.65 -21.55
N VAL B 231 24.07 4.91 -22.45
CA VAL B 231 24.14 3.45 -22.39
C VAL B 231 25.57 2.97 -22.59
N ASN B 232 26.30 3.62 -23.50
CA ASN B 232 27.69 3.25 -23.73
C ASN B 232 28.55 3.49 -22.49
N TRP B 233 28.31 4.61 -21.82
CA TRP B 233 29.01 4.88 -20.56
C TRP B 233 28.72 3.80 -19.53
N LEU B 234 27.44 3.41 -19.42
CA LEU B 234 27.07 2.35 -18.48
C LEU B 234 27.82 1.06 -18.81
N LYS B 235 27.84 0.67 -20.08
CA LYS B 235 28.57 -0.54 -20.46
C LYS B 235 30.04 -0.41 -20.13
N GLU B 236 30.65 0.72 -20.54
CA GLU B 236 32.07 0.93 -20.32
C GLU B 236 32.45 0.79 -18.84
N HIS B 237 31.60 1.28 -17.94
CA HIS B 237 31.93 1.30 -16.52
C HIS B 237 31.22 0.22 -15.70
N GLY B 238 30.48 -0.66 -16.35
CA GLY B 238 29.83 -1.75 -15.62
C GLY B 238 28.75 -1.30 -14.66
N LYS B 239 28.00 -0.27 -15.03
CA LYS B 239 26.95 0.28 -14.19
C LYS B 239 25.58 -0.05 -14.78
N LYS B 240 24.54 0.15 -13.98
CA LYS B 240 23.17 -0.11 -14.38
C LYS B 240 22.42 1.21 -14.60
N GLY B 241 21.48 1.19 -15.56
CA GLY B 241 20.87 2.40 -16.06
C GLY B 241 19.36 2.33 -16.14
N HIS B 242 18.78 3.48 -16.46
CA HIS B 242 17.36 3.77 -16.31
C HIS B 242 17.08 5.09 -17.03
N ILE B 243 15.95 5.20 -17.69
CA ILE B 243 15.56 6.48 -18.30
C ILE B 243 14.39 7.00 -17.50
N GLY B 244 14.62 8.04 -16.69
CA GLY B 244 13.58 8.52 -15.81
C GLY B 244 12.56 9.43 -16.45
N GLU B 245 12.87 10.02 -17.60
CA GLU B 245 11.96 10.97 -18.23
CA GLU B 245 12.02 11.01 -18.22
C GLU B 245 12.20 10.94 -19.72
N PHE B 246 11.10 10.77 -20.46
CA PHE B 246 11.05 10.85 -21.92
C PHE B 246 9.59 11.02 -22.29
N GLY B 247 9.30 11.96 -23.17
CA GLY B 247 7.93 12.08 -23.64
C GLY B 247 7.92 12.76 -25.00
N ILE B 248 6.79 12.63 -25.68
CA ILE B 248 6.59 13.23 -27.00
C ILE B 248 5.17 13.74 -27.11
N PRO B 249 4.95 14.71 -28.01
CA PRO B 249 3.57 15.13 -28.31
C PRO B 249 2.84 14.04 -29.06
N ASN B 250 1.52 14.17 -29.07
CA ASN B 250 0.66 13.19 -29.73
C ASN B 250 0.21 13.64 -31.12
N ASP B 251 0.94 14.56 -31.76
CA ASP B 251 0.46 15.17 -32.99
C ASP B 251 1.41 14.99 -34.16
N ASP B 252 2.24 13.95 -34.15
CA ASP B 252 3.07 13.67 -35.32
C ASP B 252 3.57 12.23 -35.25
N GLU B 253 3.22 11.44 -36.27
CA GLU B 253 3.69 10.06 -36.38
C GLU B 253 5.21 9.96 -36.32
N ARG B 254 5.92 11.03 -36.72
CA ARG B 254 7.38 10.95 -36.70
C ARG B 254 7.92 10.82 -35.27
N TRP B 255 7.32 11.55 -34.33
CA TRP B 255 7.68 11.40 -32.92
C TRP B 255 7.49 9.96 -32.45
N LEU B 256 6.32 9.39 -32.76
CA LEU B 256 6.01 8.02 -32.35
C LEU B 256 7.01 7.04 -32.92
N ASP B 257 7.39 7.23 -34.18
CA ASP B 257 8.38 6.36 -34.78
C ASP B 257 9.71 6.44 -34.03
N ALA B 258 10.12 7.66 -33.67
CA ALA B 258 11.35 7.80 -32.89
C ALA B 258 11.20 7.15 -31.51
N MET B 259 10.03 7.30 -30.89
CA MET B 259 9.80 6.65 -29.60
C MET B 259 9.90 5.14 -29.73
N ASP B 260 9.26 4.59 -30.76
CA ASP B 260 9.35 3.16 -31.05
C ASP B 260 10.79 2.70 -31.10
N LYS B 261 11.62 3.39 -31.89
CA LYS B 261 13.01 2.99 -32.02
C LYS B 261 13.75 3.13 -30.70
N LEU B 262 13.46 4.18 -29.94
CA LEU B 262 14.06 4.34 -28.62
C LEU B 262 13.73 3.16 -27.72
N LEU B 263 12.45 2.80 -27.66
CA LEU B 263 12.02 1.72 -26.78
C LEU B 263 12.68 0.40 -27.18
N ALA B 264 12.84 0.17 -28.48
CA ALA B 264 13.51 -1.05 -28.94
C ALA B 264 14.94 -1.10 -28.44
N TYR B 265 15.66 0.03 -28.53
CA TYR B 265 17.04 0.07 -28.08
C TYR B 265 17.12 -0.15 -26.58
N LEU B 266 16.23 0.49 -25.84
CA LEU B 266 16.19 0.27 -24.40
C LEU B 266 15.89 -1.18 -24.06
N ASN B 267 14.94 -1.79 -24.79
CA ASN B 267 14.65 -3.20 -24.55
C ASN B 267 15.87 -4.07 -24.81
N GLU B 268 16.58 -3.81 -25.92
CA GLU B 268 17.80 -4.56 -26.21
C GLU B 268 18.83 -4.44 -25.11
N ASN B 269 18.77 -3.38 -24.31
CA ASN B 269 19.77 -3.13 -23.30
C ASN B 269 19.22 -3.25 -21.89
N CYS B 270 17.98 -3.74 -21.75
CA CYS B 270 17.33 -3.96 -20.46
C CYS B 270 17.31 -2.69 -19.61
N ILE B 271 17.11 -1.55 -20.27
CA ILE B 271 17.06 -0.25 -19.62
C ILE B 271 15.59 0.15 -19.45
N PRO B 272 15.09 0.23 -18.22
CA PRO B 272 13.70 0.68 -18.03
C PRO B 272 13.52 2.14 -18.38
N ILE B 273 12.27 2.50 -18.67
CA ILE B 273 11.89 3.86 -18.99
C ILE B 273 10.66 4.24 -18.17
N ASN B 274 10.60 5.51 -17.77
CA ASN B 274 9.40 6.11 -17.19
C ASN B 274 8.94 7.22 -18.14
N TYR B 275 7.81 7.02 -18.79
CA TYR B 275 7.31 7.99 -19.74
C TYR B 275 6.91 9.29 -19.04
N TRP B 276 7.28 10.42 -19.63
CA TRP B 276 6.86 11.72 -19.10
C TRP B 276 5.77 12.32 -19.97
N ALA B 277 4.52 12.39 -19.52
CA ALA B 277 4.06 11.97 -18.18
C ALA B 277 2.57 11.70 -18.21
N ALA B 278 2.10 10.92 -17.25
CA ALA B 278 0.69 10.84 -16.90
C ALA B 278 0.46 11.72 -15.68
N GLY B 279 -0.79 11.81 -15.24
CA GLY B 279 -1.09 12.52 -14.03
C GLY B 279 -2.48 13.10 -14.03
N PRO B 280 -3.02 13.37 -12.84
CA PRO B 280 -4.45 13.68 -12.73
C PRO B 280 -4.85 15.06 -13.19
N SER B 281 -3.92 15.98 -13.44
CA SER B 281 -4.29 17.37 -13.65
C SER B 281 -3.37 18.02 -14.68
N TRP B 282 -3.15 17.35 -15.80
CA TRP B 282 -2.26 17.88 -16.82
C TRP B 282 -2.93 18.83 -17.80
N GLY B 283 -4.26 18.84 -17.86
CA GLY B 283 -4.94 19.71 -18.81
C GLY B 283 -4.49 19.42 -20.23
N ASN B 284 -4.18 20.48 -20.96
CA ASN B 284 -3.83 20.42 -22.37
C ASN B 284 -2.34 20.17 -22.62
N TYR B 285 -1.58 19.76 -21.61
CA TYR B 285 -0.16 19.49 -21.76
C TYR B 285 0.09 18.51 -22.91
N LYS B 286 0.95 18.91 -23.85
CA LYS B 286 1.09 18.17 -25.10
C LYS B 286 1.78 16.82 -24.92
N LEU B 287 2.55 16.63 -23.85
CA LEU B 287 3.22 15.36 -23.62
C LEU B 287 2.36 14.37 -22.83
N SER B 288 1.21 14.82 -22.32
CA SER B 288 0.44 14.01 -21.39
C SER B 288 -0.07 12.73 -22.05
N ILE B 289 -0.01 11.63 -21.32
CA ILE B 289 -0.66 10.39 -21.76
C ILE B 289 -1.88 10.08 -20.90
N GLU B 290 -2.27 11.01 -20.03
CA GLU B 290 -3.50 10.83 -19.27
C GLU B 290 -4.70 10.88 -20.22
N PRO B 291 -5.67 9.99 -20.04
CA PRO B 291 -6.90 10.09 -20.85
C PRO B 291 -7.51 11.47 -20.74
N LYS B 292 -8.00 11.98 -21.86
CA LYS B 292 -8.62 13.29 -21.94
C LYS B 292 -9.61 13.26 -23.10
N ASP B 293 -10.85 13.68 -22.86
CA ASP B 293 -11.88 13.59 -23.88
C ASP B 293 -11.44 14.32 -25.15
N GLY B 294 -11.41 13.60 -26.27
CA GLY B 294 -11.03 14.17 -27.53
C GLY B 294 -9.55 14.06 -27.86
N GLU B 295 -8.73 13.60 -26.93
CA GLU B 295 -7.31 13.41 -27.17
C GLU B 295 -7.00 11.94 -27.38
N LYS B 296 -6.26 11.66 -28.45
CA LYS B 296 -5.68 10.35 -28.65
C LYS B 296 -4.30 10.33 -27.99
N ARG B 297 -3.98 9.21 -27.34
CA ARG B 297 -2.68 9.02 -26.72
C ARG B 297 -1.98 7.85 -27.37
N PRO B 298 -1.51 8.00 -28.61
CA PRO B 298 -0.85 6.88 -29.30
C PRO B 298 0.41 6.39 -28.61
N GLN B 299 1.04 7.21 -27.77
CA GLN B 299 2.20 6.74 -27.02
C GLN B 299 1.85 5.54 -26.14
N VAL B 300 0.61 5.49 -25.63
CA VAL B 300 0.23 4.41 -24.72
C VAL B 300 0.27 3.06 -25.44
N ALA B 301 -0.22 3.00 -26.68
CA ALA B 301 -0.14 1.75 -27.44
C ALA B 301 1.31 1.27 -27.56
N LEU B 302 2.24 2.20 -27.81
CA LEU B 302 3.65 1.85 -27.88
C LEU B 302 4.15 1.31 -26.55
N LEU B 303 3.86 2.03 -25.47
CA LEU B 303 4.25 1.58 -24.14
C LEU B 303 3.77 0.16 -23.87
N LYS B 304 2.51 -0.12 -24.25
CA LYS B 304 1.94 -1.45 -24.01
C LYS B 304 2.62 -2.51 -24.86
N LYS B 305 2.93 -2.19 -26.12
CA LYS B 305 3.63 -3.15 -26.95
C LYS B 305 4.97 -3.55 -26.34
N TYR B 306 5.71 -2.57 -25.82
CA TYR B 306 6.99 -2.88 -25.21
C TYR B 306 6.85 -3.41 -23.79
N ALA B 307 5.74 -3.09 -23.09
CA ALA B 307 5.53 -3.72 -21.79
C ALA B 307 5.29 -5.22 -21.94
N ALA B 308 4.66 -5.63 -23.04
CA ALA B 308 4.47 -7.06 -23.31
C ALA B 308 5.77 -7.75 -23.68
N LYS B 309 6.76 -6.98 -24.13
CA LYS B 309 8.03 -7.52 -24.63
C LYS B 309 9.02 -7.69 -23.48
N ASP B 310 8.51 -8.00 -22.30
CA ASP B 310 9.34 -8.08 -21.10
C ASP B 310 10.18 -9.35 -21.15
N ASN B 311 11.49 -9.18 -21.36
CA ASN B 311 12.41 -10.32 -21.41
C ASN B 311 13.67 -10.06 -20.60
N CYS B 312 13.63 -9.13 -19.65
CA CYS B 312 14.81 -8.73 -18.90
C CYS B 312 14.63 -9.10 -17.43
N SER B 313 15.65 -9.75 -16.86
CA SER B 313 15.58 -10.13 -15.46
C SER B 313 16.03 -9.04 -14.52
N ASP B 314 16.93 -8.14 -14.95
CA ASP B 314 17.47 -7.10 -14.08
C ASP B 314 17.74 -5.85 -14.91
N PHE B 315 17.98 -4.72 -14.22
CA PHE B 315 18.45 -3.52 -14.89
C PHE B 315 19.65 -3.86 -15.77
N GLY B 316 19.63 -3.38 -17.00
CA GLY B 316 20.82 -3.48 -17.83
C GLY B 316 21.64 -2.21 -17.70
N PRO B 317 22.62 -2.03 -18.60
CA PRO B 317 22.91 -2.93 -19.71
C PRO B 317 23.90 -4.04 -19.34
N ALA B 318 24.28 -4.86 -20.33
CA ALA B 318 25.19 -5.98 -20.09
C ALA B 318 26.60 -5.48 -19.81
C2 BGC C . -11.63 6.87 12.26
C3 BGC C . -10.68 5.88 11.55
C4 BGC C . -10.75 6.05 10.00
C5 BGC C . -10.62 7.55 9.67
C6 BGC C . -10.78 7.78 8.15
C1 BGC C . -11.33 8.30 11.77
O1 BGC C . -12.38 9.10 12.28
O2 BGC C . -11.42 6.71 13.62
O3 BGC C . -11.08 4.56 11.89
O4 BGC C . -9.70 5.34 9.45
O5 BGC C . -11.52 8.35 10.39
O6 BGC C . -10.31 9.05 7.89
C2 BGC C . -8.99 3.65 7.91
C3 BGC C . -9.23 2.15 7.58
C4 BGC C . -8.99 1.25 8.84
C5 BGC C . -9.74 1.87 10.06
C6 BGC C . -9.30 1.26 11.42
C1 BGC C . -9.93 4.04 9.04
O2 BGC C . -9.35 4.39 6.78
O3 BGC C . -8.31 1.79 6.62
O4 BGC C . -9.47 -0.02 8.51
O5 BGC C . -9.55 3.26 10.17
O6 BGC C . -10.03 1.81 12.45
C2 BGC C . -9.40 -2.35 8.58
C3 BGC C . -8.53 -3.54 8.26
C4 BGC C . -7.94 -3.42 6.83
C5 BGC C . -7.24 -2.03 6.71
C6 BGC C . -6.75 -1.75 5.27
C1 BGC C . -8.58 -1.04 8.40
O2 BGC C . -9.84 -2.44 9.91
O3 BGC C . -9.41 -4.63 8.29
O4 BGC C . -7.02 -4.41 6.72
O5 BGC C . -8.14 -1.00 7.06
O6 BGC C . -6.63 -0.37 5.15
C2 BGC D . 6.37 20.87 -17.94
C3 BGC D . 5.79 21.99 -17.08
C4 BGC D . 5.16 21.39 -15.81
C5 BGC D . 6.26 20.55 -15.09
C6 BGC D . 5.73 19.92 -13.75
C1 BGC D . 7.43 20.13 -17.09
O1 BGC D . 7.81 19.03 -17.83
O2 BGC D . 6.94 21.45 -19.05
O3 BGC D . 4.75 22.60 -17.76
O4 BGC D . 4.65 22.42 -15.05
O5 BGC D . 6.82 19.59 -15.95
O6 BGC D . 6.80 19.33 -13.10
C2 BGC D . 2.94 23.34 -13.56
C3 BGC D . 1.48 23.06 -13.16
C4 BGC D . 0.52 22.97 -14.39
C5 BGC D . 1.16 21.96 -15.36
C6 BGC D . 0.39 21.80 -16.69
C1 BGC D . 3.35 22.26 -14.55
O2 BGC D . 3.70 23.18 -12.40
O3 BGC D . 1.08 24.12 -12.39
O4 BGC D . -0.71 22.51 -13.89
O5 BGC D . 2.47 22.39 -15.67
O6 BGC D . 0.19 23.05 -17.25
C2 BGC D . -3.04 22.44 -13.80
C3 BGC D . -4.32 23.26 -13.51
C4 BGC D . -4.18 24.06 -12.18
C5 BGC D . -2.79 24.81 -12.18
C6 BGC D . -2.46 25.47 -10.81
C1 BGC D . -1.81 23.37 -13.77
O2 BGC D . -3.12 21.91 -15.06
O3 BGC D . -5.39 22.35 -13.39
O4 BGC D . -5.18 25.00 -12.21
O5 BGC D . -1.74 23.93 -12.51
O6 BGC D . -1.27 26.17 -10.96
#